data_8JZP
#
_entry.id   8JZP
#
loop_
_entity.id
_entity.type
_entity.pdbx_description
1 polymer 'C5a anaphylatoxin chemotactic receptor 1'
2 polymer 'Guanine nucleotide-binding protein G(o) subunit alpha'
3 polymer 'Guanine nucleotide-binding protein G(I)/G(S)/G(T) subunit beta-1'
4 polymer 'C5a anaphylatoxin'
5 polymer 'Guanine nucleotide-binding protein G(I)/G(S)/G(O) subunit gamma-2'
6 polymer 'Antibody fragment ScFv16'
#
loop_
_entity_poly.entity_id
_entity_poly.type
_entity_poly.pdbx_seq_one_letter_code
_entity_poly.pdbx_strand_id
1 'polypeptide(L)'
;MGKTIIALSYIFCLVFADYKDDDDAANFTPVNGSSGNQSVRLVTSSSLEVLFQGPGSDSFNYTTPDYGHYDDKDTLDLNT
PVDKTSNTLRVPDILALVIFAVVFLVGVLGNALVVWVTAFEAKRTINAIWFLNLAVADFLSCLALPILFTSIVQHHHWPF
GGAACSILPSLILLNMYASILLLATISADRFLLVFKPIWCQNFRGAGLAWIACAVAWGLALLLTIPSFLYRVVREEYFPP
KVLCGVDYSHDKRRERAVAIVRLVLGFLWPLLTLTICYTFILLRTWSRRATRSTKTLKVVVAVVASFFIFWLPYQVTGIM
MSFLEPSSPTFLLLKKLDSLCVSFAYINCCINPIIYVVAGQGFQGRLRKSLPSLLRNVLTEESVVRESKSFTRSTVDTMA
QKTQAV
;
A
2 'polypeptide(L)'
;MGHHHHHHENLYFQGTLSAEERAALERSKAIEKNLKEDGISAAKDVKLLLLGADNSGKSTIVKQMKIIHGGSGGSGGTTG
IVETHFTFKNLHFRLFDVGGQRSERKKWIHCFEDVTAIIFCVDLSDYNRMHESLMLFDSICNNKFFIDTSIILFLNKKDL
FGEKIKKSPLTICFPEYTGPNTYEDAAAYIQAQFESKNRSPNKEIYCHMTCATDTNNAQVIFDAVTDIIIANNLRGCGLY
;
B
3 'polypeptide(L)'
;MHHHHHHGSSGSELDQLRQEAEQLKNQIRDARKACADATLSQITNNIDPVGRIQMRTRRTLRGHLAKIYAMHWGTDSRLL
VSASQDGKLIIWDSYTTNKVHAIPLRSSWVMTCAYAPSGNYVACGGLDNICSIYNLKTREGNVRVSRELAGHTGYLSCCR
FLDDNQIVTSSGDTTCALWDIETGQQTTTFTGHTGDVMSLSLAPDTRLFVSGACDASAKLWDVREGMCRQTFTGHESDIN
AICFFPNGNAFATGSDDATCRLFDLRADQELMTYSHDNIICGITSVSFSKSGRLLLAGYDDFNCNVWDALKADRAGVLAG
HDNRVSCLGVTDDGMAVATGSWDSFLKIWN
;
C
4 'polypeptide(L)'
;MGKTIIALSYIFCLVFAHHHHHHHHEFDDDDKNLHLLRQKIEEQAAKYKHSVPKKCCYDGARVNFYETCEERVARVTIGP
LCIRAFNECCTIANKIRKESPHKPVQLGR
;
F
5 'polypeptide(L)' MASNNTASIAQARKLVEQLKMEANIDRIKVSKAAADLMAYCEAHAKEDPLLTPVPASENPFREKKFFCAIL G
6 'polypeptide(L)'
;DVQLVESGGGLVQPGGSRKLSCSASGFAFSSFGMHWVRQAPEKGLEWVAYISSGSGTIYYADTVKGRFTISRDDPKNTLF
LQMTSLRSEDTAMYYCVRSIYYYGSSPFDFWGQGTTLTVSSGGGGSGGGGSGGGGSDIVMTQATSSVPVTPGESVSISCR
SSKSLLHSNGNTYLYWFLQRPGQSPQLLIYRMSNLASGVPDRFSGSGSGTAFTLTISRLEAEDVGVYYCMQHLEYPLTFG
AGTKLELK
;
H
#
# COMPACT_ATOMS: atom_id res chain seq x y z
N LEU A 78 0.04 68.78 -29.77
CA LEU A 78 -0.54 68.98 -31.09
C LEU A 78 0.33 68.37 -32.18
N ASN A 79 1.38 69.09 -32.58
CA ASN A 79 2.28 68.62 -33.62
C ASN A 79 3.21 67.57 -33.03
N THR A 80 2.65 66.39 -32.80
CA THR A 80 3.38 65.29 -32.19
C THR A 80 3.07 64.03 -32.99
N PRO A 81 3.94 63.01 -32.91
CA PRO A 81 3.61 61.73 -33.55
C PRO A 81 2.35 61.09 -33.01
N VAL A 82 1.92 61.46 -31.81
CA VAL A 82 0.66 60.98 -31.26
C VAL A 82 -0.48 61.60 -32.05
N ASP A 83 -1.37 60.77 -32.59
CA ASP A 83 -2.51 61.25 -33.37
C ASP A 83 -3.66 61.56 -32.43
N LYS A 84 -4.86 61.71 -33.01
CA LYS A 84 -6.03 62.12 -32.24
C LYS A 84 -6.41 61.12 -31.14
N THR A 85 -6.03 59.86 -31.29
CA THR A 85 -6.41 58.84 -30.31
C THR A 85 -5.24 57.94 -30.00
N SER A 86 -5.28 57.34 -28.81
CA SER A 86 -4.28 56.37 -28.38
C SER A 86 -4.93 55.39 -27.43
N ASN A 87 -4.33 54.20 -27.32
CA ASN A 87 -4.89 53.11 -26.53
C ASN A 87 -3.80 52.53 -25.63
N THR A 88 -3.70 53.05 -24.40
CA THR A 88 -2.79 52.50 -23.42
C THR A 88 -3.41 51.29 -22.73
N LEU A 89 -2.82 50.90 -21.61
CA LEU A 89 -3.28 49.74 -20.85
C LEU A 89 -4.30 50.12 -19.79
N ARG A 90 -5.07 51.17 -20.03
CA ARG A 90 -6.15 51.58 -19.14
C ARG A 90 -7.33 50.64 -19.36
N VAL A 91 -8.51 51.06 -18.87
CA VAL A 91 -9.78 50.35 -19.06
C VAL A 91 -9.80 49.16 -18.09
N PRO A 92 -10.99 48.70 -17.62
CA PRO A 92 -11.02 47.57 -16.66
C PRO A 92 -10.38 46.28 -17.17
N ASP A 93 -9.81 46.33 -18.38
CA ASP A 93 -8.79 45.36 -18.73
C ASP A 93 -7.72 45.27 -17.65
N ILE A 94 -7.51 46.34 -16.88
CA ILE A 94 -6.65 46.26 -15.69
C ILE A 94 -7.24 45.29 -14.68
N LEU A 95 -8.55 45.34 -14.47
CA LEU A 95 -9.19 44.39 -13.56
C LEU A 95 -9.04 42.96 -14.07
N ALA A 96 -9.22 42.75 -15.38
CA ALA A 96 -8.98 41.42 -15.94
C ALA A 96 -7.54 40.99 -15.72
N LEU A 97 -6.61 41.92 -15.88
CA LEU A 97 -5.19 41.65 -15.69
C LEU A 97 -4.92 41.19 -14.26
N VAL A 98 -5.45 41.91 -13.26
CA VAL A 98 -5.17 41.55 -11.88
C VAL A 98 -5.85 40.23 -11.53
N ILE A 99 -7.03 39.96 -12.11
CA ILE A 99 -7.68 38.68 -11.84
C ILE A 99 -6.83 37.54 -12.40
N PHE A 100 -6.33 37.70 -13.63
CA PHE A 100 -5.44 36.69 -14.19
C PHE A 100 -4.21 36.53 -13.32
N ALA A 101 -3.68 37.63 -12.78
CA ALA A 101 -2.50 37.55 -11.92
C ALA A 101 -2.77 36.72 -10.67
N VAL A 102 -3.88 36.98 -9.99
CA VAL A 102 -4.14 36.24 -8.75
C VAL A 102 -4.45 34.78 -9.07
N VAL A 103 -5.16 34.50 -10.18
CA VAL A 103 -5.39 33.12 -10.56
C VAL A 103 -4.08 32.42 -10.87
N PHE A 104 -3.14 33.12 -11.50
CA PHE A 104 -1.84 32.51 -11.77
C PHE A 104 -1.08 32.23 -10.48
N LEU A 105 -1.17 33.15 -9.52
CA LEU A 105 -0.53 32.92 -8.22
C LEU A 105 -1.10 31.70 -7.53
N VAL A 106 -2.43 31.53 -7.55
CA VAL A 106 -3.04 30.36 -6.93
C VAL A 106 -2.93 29.10 -7.79
N GLY A 107 -2.52 29.23 -9.05
CA GLY A 107 -2.30 28.08 -9.88
C GLY A 107 -0.90 27.51 -9.75
N VAL A 108 0.10 28.41 -9.67
CA VAL A 108 1.46 27.96 -9.41
C VAL A 108 1.56 27.32 -8.03
N LEU A 109 0.97 27.95 -7.02
CA LEU A 109 0.78 27.31 -5.72
C LEU A 109 -0.54 26.55 -5.77
N GLY A 110 -1.01 26.07 -4.61
CA GLY A 110 -2.36 25.55 -4.54
C GLY A 110 -2.64 24.42 -5.51
N ASN A 111 -3.36 24.75 -6.59
CA ASN A 111 -3.68 23.80 -7.65
C ASN A 111 -2.53 22.85 -7.95
N ALA A 112 -1.30 23.34 -7.95
CA ALA A 112 -0.15 22.48 -8.24
C ALA A 112 0.06 21.44 -7.14
N LEU A 113 -0.26 21.77 -5.90
CA LEU A 113 -0.06 20.81 -4.82
C LEU A 113 -1.13 19.72 -4.83
N VAL A 114 -2.35 20.08 -5.27
CA VAL A 114 -3.46 19.13 -5.21
C VAL A 114 -3.21 17.95 -6.13
N VAL A 115 -2.71 18.21 -7.34
CA VAL A 115 -2.42 17.12 -8.27
C VAL A 115 -1.32 16.23 -7.73
N TRP A 116 -0.34 16.81 -7.05
CA TRP A 116 0.78 16.03 -6.54
C TRP A 116 0.35 15.07 -5.44
N VAL A 117 -0.39 15.57 -4.45
CA VAL A 117 -0.75 14.73 -3.31
C VAL A 117 -1.70 13.61 -3.73
N THR A 118 -2.52 13.84 -4.76
CA THR A 118 -3.42 12.80 -5.22
C THR A 118 -2.69 11.73 -6.02
N ALA A 119 -1.59 12.09 -6.68
CA ALA A 119 -0.87 11.11 -7.48
C ALA A 119 0.10 10.30 -6.64
N PHE A 120 1.10 10.96 -6.05
CA PHE A 120 2.18 10.24 -5.38
C PHE A 120 1.72 9.58 -4.09
N GLU A 121 1.02 10.32 -3.23
CA GLU A 121 0.61 9.80 -1.94
C GLU A 121 -0.79 9.19 -1.97
N ALA A 122 -1.41 9.10 -3.14
CA ALA A 122 -2.77 8.61 -3.27
C ALA A 122 -2.95 7.91 -4.61
N LYS A 123 -4.21 7.78 -5.04
CA LYS A 123 -4.61 7.15 -6.30
C LYS A 123 -4.58 5.63 -6.20
N ARG A 124 -4.12 5.11 -5.06
CA ARG A 124 -4.52 3.78 -4.66
C ARG A 124 -5.93 3.79 -4.08
N THR A 125 -6.37 4.94 -3.59
CA THR A 125 -7.76 5.18 -3.23
C THR A 125 -8.48 5.69 -4.47
N ILE A 126 -9.66 5.13 -4.74
CA ILE A 126 -10.34 5.42 -5.99
C ILE A 126 -10.78 6.87 -6.05
N ASN A 127 -11.21 7.42 -4.92
CA ASN A 127 -11.73 8.78 -4.88
C ASN A 127 -10.68 9.83 -5.23
N ALA A 128 -9.40 9.48 -5.19
CA ALA A 128 -8.36 10.45 -5.54
C ALA A 128 -8.21 10.61 -7.05
N ILE A 129 -8.69 9.66 -7.84
CA ILE A 129 -8.54 9.73 -9.29
C ILE A 129 -9.26 10.95 -9.85
N TRP A 130 -10.50 11.15 -9.42
CA TRP A 130 -11.32 12.24 -9.93
C TRP A 130 -10.64 13.58 -9.70
N PHE A 131 -10.25 13.82 -8.46
CA PHE A 131 -9.67 15.11 -8.11
C PHE A 131 -8.26 15.26 -8.66
N LEU A 132 -7.55 14.15 -8.90
CA LEU A 132 -6.31 14.21 -9.65
C LEU A 132 -6.54 14.78 -11.04
N ASN A 133 -7.49 14.22 -11.78
CA ASN A 133 -7.74 14.68 -13.14
C ASN A 133 -8.29 16.12 -13.15
N LEU A 134 -9.18 16.44 -12.21
CA LEU A 134 -9.69 17.81 -12.16
C LEU A 134 -8.57 18.80 -11.86
N ALA A 135 -7.70 18.45 -10.91
CA ALA A 135 -6.60 19.33 -10.56
C ALA A 135 -5.62 19.48 -11.71
N VAL A 136 -5.34 18.40 -12.45
CA VAL A 136 -4.39 18.50 -13.55
C VAL A 136 -4.98 19.31 -14.70
N ALA A 137 -6.28 19.16 -14.96
CA ALA A 137 -6.92 19.97 -15.99
C ALA A 137 -6.89 21.45 -15.61
N ASP A 138 -7.18 21.75 -14.35
CA ASP A 138 -7.13 23.14 -13.90
C ASP A 138 -5.70 23.67 -13.94
N PHE A 139 -4.71 22.81 -13.64
CA PHE A 139 -3.32 23.22 -13.69
C PHE A 139 -2.89 23.55 -15.12
N LEU A 140 -3.29 22.70 -16.08
CA LEU A 140 -2.97 22.98 -17.47
C LEU A 140 -3.68 24.23 -17.96
N SER A 141 -4.88 24.50 -17.46
CA SER A 141 -5.51 25.79 -17.73
C SER A 141 -4.67 26.92 -17.15
N CYS A 142 -4.11 26.71 -15.96
CA CYS A 142 -3.31 27.75 -15.31
C CYS A 142 -1.98 27.98 -16.02
N LEU A 143 -1.49 26.99 -16.76
CA LEU A 143 -0.30 27.22 -17.59
C LEU A 143 -0.59 28.15 -18.76
N ALA A 144 -1.87 28.35 -19.10
CA ALA A 144 -2.19 29.25 -20.20
C ALA A 144 -2.31 30.70 -19.74
N LEU A 145 -2.23 30.93 -18.43
CA LEU A 145 -2.33 32.28 -17.89
C LEU A 145 -1.27 33.23 -18.43
N PRO A 146 0.01 32.85 -18.54
CA PRO A 146 0.97 33.79 -19.14
C PRO A 146 0.61 34.21 -20.56
N ILE A 147 0.08 33.30 -21.38
CA ILE A 147 -0.26 33.64 -22.76
C ILE A 147 -1.43 34.61 -22.80
N LEU A 148 -2.45 34.37 -21.96
CA LEU A 148 -3.56 35.31 -21.87
C LEU A 148 -3.09 36.67 -21.39
N PHE A 149 -2.17 36.69 -20.41
CA PHE A 149 -1.60 37.93 -19.92
C PHE A 149 -0.91 38.69 -21.05
N THR A 150 -0.08 37.98 -21.84
CA THR A 150 0.63 38.61 -22.94
C THR A 150 -0.34 39.15 -23.97
N SER A 151 -1.37 38.37 -24.30
CA SER A 151 -2.36 38.83 -25.28
C SER A 151 -3.08 40.08 -24.79
N ILE A 152 -3.39 40.14 -23.50
CA ILE A 152 -4.05 41.32 -22.95
C ILE A 152 -3.13 42.52 -23.03
N VAL A 153 -1.88 42.37 -22.61
CA VAL A 153 -0.99 43.52 -22.53
C VAL A 153 -0.45 43.93 -23.91
N GLN A 154 -0.41 43.02 -24.87
CA GLN A 154 -0.03 43.35 -26.23
C GLN A 154 -1.23 43.66 -27.13
N HIS A 155 -2.38 43.96 -26.53
CA HIS A 155 -3.60 44.32 -27.27
C HIS A 155 -3.93 43.29 -28.34
N HIS A 156 -3.92 42.02 -27.94
CA HIS A 156 -4.26 40.88 -28.79
C HIS A 156 -3.28 40.68 -29.95
N HIS A 157 -2.07 41.21 -29.83
CA HIS A 157 -1.03 40.87 -30.80
C HIS A 157 -0.66 39.40 -30.63
N TRP A 158 -0.41 38.73 -31.77
CA TRP A 158 -0.11 37.31 -31.73
C TRP A 158 1.32 37.08 -32.18
N PRO A 159 2.28 36.90 -31.26
CA PRO A 159 3.67 36.70 -31.67
C PRO A 159 3.94 35.33 -32.27
N PHE A 160 3.09 34.35 -32.01
CA PHE A 160 3.37 32.98 -32.39
C PHE A 160 3.02 32.75 -33.86
N GLY A 161 3.11 31.49 -34.29
CA GLY A 161 2.84 31.15 -35.67
C GLY A 161 1.39 30.82 -35.92
N GLY A 162 1.08 30.59 -37.21
CA GLY A 162 -0.26 30.19 -37.58
C GLY A 162 -0.62 28.81 -37.05
N ALA A 163 0.34 27.89 -37.07
CA ALA A 163 0.10 26.59 -36.45
C ALA A 163 -0.19 26.73 -34.97
N ALA A 164 0.45 27.69 -34.30
CA ALA A 164 0.14 27.96 -32.91
C ALA A 164 -1.30 28.46 -32.77
N CYS A 165 -1.74 29.35 -33.66
CA CYS A 165 -3.12 29.80 -33.63
C CYS A 165 -4.10 28.66 -33.87
N SER A 166 -3.70 27.65 -34.63
CA SER A 166 -4.57 26.51 -34.85
C SER A 166 -4.49 25.45 -33.76
N ILE A 167 -3.45 25.47 -32.92
CA ILE A 167 -3.26 24.42 -31.94
C ILE A 167 -3.53 24.91 -30.52
N LEU A 168 -2.78 25.92 -30.07
CA LEU A 168 -2.81 26.31 -28.66
C LEU A 168 -4.19 26.69 -28.17
N PRO A 169 -5.00 27.50 -28.88
CA PRO A 169 -6.37 27.73 -28.40
C PRO A 169 -7.19 26.46 -28.27
N SER A 170 -6.97 25.49 -29.16
CA SER A 170 -7.65 24.21 -29.00
C SER A 170 -7.26 23.53 -27.69
N LEU A 171 -5.98 23.60 -27.32
CA LEU A 171 -5.54 23.00 -26.08
C LEU A 171 -6.10 23.73 -24.86
N ILE A 172 -6.17 25.06 -24.92
CA ILE A 172 -6.68 25.80 -23.76
C ILE A 172 -8.17 25.53 -23.58
N LEU A 173 -8.91 25.43 -24.68
CA LEU A 173 -10.31 25.01 -24.57
C LEU A 173 -10.43 23.57 -24.10
N LEU A 174 -9.49 22.71 -24.49
CA LEU A 174 -9.45 21.35 -23.95
C LEU A 174 -9.33 21.37 -22.44
N ASN A 175 -8.44 22.20 -21.91
CA ASN A 175 -8.28 22.27 -20.46
C ASN A 175 -9.54 22.80 -19.79
N MET A 176 -10.14 23.86 -20.35
CA MET A 176 -11.36 24.42 -19.78
C MET A 176 -12.47 23.37 -19.69
N TYR A 177 -12.80 22.77 -20.83
CA TYR A 177 -13.92 21.86 -20.84
C TYR A 177 -13.57 20.53 -20.19
N ALA A 178 -12.30 20.18 -20.10
CA ALA A 178 -11.93 19.05 -19.26
C ALA A 178 -12.28 19.34 -17.81
N SER A 179 -11.97 20.55 -17.33
CA SER A 179 -12.36 20.92 -15.97
C SER A 179 -13.87 20.81 -15.78
N ILE A 180 -14.63 21.31 -16.76
CA ILE A 180 -16.08 21.37 -16.59
C ILE A 180 -16.70 19.98 -16.59
N LEU A 181 -16.42 19.18 -17.62
CA LEU A 181 -16.97 17.82 -17.61
C LEU A 181 -16.38 16.96 -16.50
N LEU A 182 -15.20 17.28 -15.97
CA LEU A 182 -14.71 16.55 -14.81
C LEU A 182 -15.52 16.90 -13.57
N LEU A 183 -15.92 18.16 -13.42
CA LEU A 183 -16.84 18.51 -12.34
C LEU A 183 -18.14 17.75 -12.47
N ALA A 184 -18.67 17.68 -13.70
CA ALA A 184 -19.93 16.95 -13.91
C ALA A 184 -19.79 15.47 -13.59
N THR A 185 -18.68 14.84 -14.02
CA THR A 185 -18.48 13.42 -13.75
C THR A 185 -18.21 13.15 -12.28
N ILE A 186 -17.50 14.06 -11.60
CA ILE A 186 -17.32 13.96 -10.16
C ILE A 186 -18.68 13.96 -9.47
N SER A 187 -19.56 14.87 -9.89
CA SER A 187 -20.89 14.92 -9.30
C SER A 187 -21.69 13.66 -9.59
N ALA A 188 -21.58 13.13 -10.80
CA ALA A 188 -22.28 11.88 -11.12
C ALA A 188 -21.78 10.73 -10.25
N ASP A 189 -20.46 10.66 -10.03
CA ASP A 189 -19.91 9.61 -9.18
C ASP A 189 -20.34 9.79 -7.73
N ARG A 190 -20.39 11.05 -7.26
CA ARG A 190 -20.87 11.30 -5.91
C ARG A 190 -22.32 10.87 -5.76
N PHE A 191 -23.14 11.12 -6.77
CA PHE A 191 -24.52 10.66 -6.76
C PHE A 191 -24.57 9.14 -6.69
N LEU A 192 -23.76 8.46 -7.50
CA LEU A 192 -23.78 7.00 -7.51
C LEU A 192 -23.29 6.43 -6.19
N LEU A 193 -22.36 7.12 -5.53
CA LEU A 193 -21.86 6.67 -4.23
C LEU A 193 -22.95 6.67 -3.17
N VAL A 194 -24.01 7.46 -3.35
CA VAL A 194 -25.06 7.61 -2.36
C VAL A 194 -26.30 6.81 -2.73
N PHE A 195 -26.71 6.84 -3.98
CA PHE A 195 -27.94 6.15 -4.35
C PHE A 195 -27.74 4.67 -4.68
N LYS A 196 -26.50 4.24 -4.92
CA LYS A 196 -26.22 2.83 -5.20
C LYS A 196 -24.95 2.40 -4.45
N PRO A 197 -25.02 2.30 -3.12
CA PRO A 197 -23.81 1.87 -2.38
C PRO A 197 -23.50 0.40 -2.52
N ILE A 198 -24.51 -0.48 -2.44
CA ILE A 198 -24.28 -1.89 -2.64
C ILE A 198 -23.84 -2.21 -4.06
N TRP A 199 -24.31 -1.44 -5.04
CA TRP A 199 -23.78 -1.55 -6.39
C TRP A 199 -22.42 -0.89 -6.51
N CYS A 200 -22.14 0.11 -5.67
CA CYS A 200 -20.81 0.72 -5.69
C CYS A 200 -19.76 -0.28 -5.20
N GLN A 201 -20.09 -1.10 -4.21
CA GLN A 201 -19.16 -2.16 -3.85
C GLN A 201 -19.37 -3.37 -4.75
N ASN A 202 -19.58 -3.12 -6.04
CA ASN A 202 -19.39 -4.09 -7.12
C ASN A 202 -18.68 -3.38 -8.26
N PHE A 203 -19.02 -2.11 -8.46
CA PHE A 203 -18.52 -1.35 -9.59
C PHE A 203 -17.14 -0.75 -9.31
N ARG A 204 -16.97 -0.17 -8.13
CA ARG A 204 -15.90 0.78 -7.90
C ARG A 204 -14.53 0.16 -8.12
N GLY A 205 -13.65 0.93 -8.73
CA GLY A 205 -12.30 0.50 -9.05
C GLY A 205 -11.66 1.53 -9.95
N ALA A 206 -10.34 1.41 -10.09
CA ALA A 206 -9.62 2.34 -10.94
C ALA A 206 -10.11 2.28 -12.37
N GLY A 207 -10.64 1.14 -12.79
CA GLY A 207 -11.17 0.98 -14.13
C GLY A 207 -12.26 1.96 -14.46
N LEU A 208 -13.34 1.96 -13.67
CA LEU A 208 -14.47 2.83 -13.97
C LEU A 208 -14.09 4.30 -13.84
N ALA A 209 -13.32 4.66 -12.81
CA ALA A 209 -12.93 6.05 -12.63
C ALA A 209 -12.11 6.54 -13.81
N TRP A 210 -11.14 5.73 -14.25
CA TRP A 210 -10.30 6.14 -15.35
C TRP A 210 -11.08 6.15 -16.67
N ILE A 211 -12.02 5.23 -16.83
CA ILE A 211 -12.85 5.22 -18.03
C ILE A 211 -13.69 6.50 -18.09
N ALA A 212 -14.30 6.88 -16.98
CA ALA A 212 -15.15 8.07 -16.96
C ALA A 212 -14.32 9.33 -17.19
N CYS A 213 -13.15 9.41 -16.56
CA CYS A 213 -12.31 10.59 -16.75
C CYS A 213 -11.78 10.67 -18.18
N ALA A 214 -11.47 9.53 -18.79
CA ALA A 214 -11.08 9.53 -20.18
C ALA A 214 -12.23 9.98 -21.07
N VAL A 215 -13.46 9.56 -20.75
CA VAL A 215 -14.61 10.00 -21.52
C VAL A 215 -14.78 11.52 -21.40
N ALA A 216 -14.57 12.05 -20.20
CA ALA A 216 -14.66 13.50 -20.02
C ALA A 216 -13.61 14.23 -20.85
N TRP A 217 -12.36 13.73 -20.84
CA TRP A 217 -11.32 14.37 -21.64
C TRP A 217 -11.63 14.27 -23.13
N GLY A 218 -12.13 13.13 -23.59
CA GLY A 218 -12.49 12.99 -25.00
C GLY A 218 -13.63 13.91 -25.39
N LEU A 219 -14.59 14.11 -24.48
CA LEU A 219 -15.66 15.06 -24.75
C LEU A 219 -15.11 16.47 -24.83
N ALA A 220 -14.12 16.79 -24.00
CA ALA A 220 -13.45 18.08 -24.13
C ALA A 220 -12.79 18.24 -25.50
N LEU A 221 -12.15 17.18 -25.97
CA LEU A 221 -11.53 17.21 -27.30
C LEU A 221 -12.58 17.42 -28.39
N LEU A 222 -13.70 16.72 -28.29
CA LEU A 222 -14.77 16.89 -29.27
C LEU A 222 -15.32 18.31 -29.24
N LEU A 223 -15.48 18.87 -28.05
CA LEU A 223 -15.96 20.24 -27.93
C LEU A 223 -14.96 21.23 -28.53
N THR A 224 -13.66 20.95 -28.41
CA THR A 224 -12.69 21.93 -28.89
C THR A 224 -12.29 21.73 -30.34
N ILE A 225 -12.66 20.62 -30.98
CA ILE A 225 -12.14 20.35 -32.33
C ILE A 225 -12.62 21.38 -33.33
N PRO A 226 -13.67 22.20 -33.10
CA PRO A 226 -13.95 23.33 -33.97
C PRO A 226 -12.80 24.34 -33.81
N SER A 227 -12.18 24.48 -32.62
CA SER A 227 -11.06 25.40 -32.53
C SER A 227 -9.82 24.82 -33.19
N PHE A 228 -9.62 23.51 -33.09
CA PHE A 228 -8.50 22.89 -33.76
C PHE A 228 -8.65 22.97 -35.28
N LEU A 229 -9.87 23.15 -35.77
CA LEU A 229 -10.13 23.19 -37.21
C LEU A 229 -10.10 24.62 -37.76
N TYR A 230 -10.98 25.48 -37.27
CA TYR A 230 -11.29 26.72 -37.97
C TYR A 230 -10.35 27.88 -37.66
N ARG A 231 -9.48 27.77 -36.68
CA ARG A 231 -8.66 28.91 -36.28
C ARG A 231 -7.53 29.16 -37.28
N VAL A 232 -7.41 30.41 -37.71
CA VAL A 232 -6.34 30.84 -38.61
C VAL A 232 -5.85 32.22 -38.16
N VAL A 233 -4.63 32.57 -38.58
CA VAL A 233 -4.08 33.87 -38.23
C VAL A 233 -4.53 34.92 -39.24
N ARG A 234 -4.77 36.14 -38.74
CA ARG A 234 -5.16 37.26 -39.58
C ARG A 234 -4.18 38.41 -39.36
N GLU A 235 -4.15 39.33 -40.33
CA GLU A 235 -3.19 40.42 -40.30
C GLU A 235 -3.84 41.65 -40.93
N GLU A 236 -3.47 42.83 -40.44
CA GLU A 236 -4.16 44.07 -40.78
C GLU A 236 -3.26 45.14 -41.43
N TYR A 237 -1.96 45.13 -41.19
CA TYR A 237 -0.96 45.95 -41.90
C TYR A 237 -0.95 47.42 -41.50
N PHE A 238 -1.93 47.90 -40.73
CA PHE A 238 -1.84 49.30 -40.34
C PHE A 238 -0.84 49.46 -39.18
N PRO A 239 -1.04 48.86 -38.01
CA PRO A 239 0.11 48.51 -37.17
C PRO A 239 0.61 47.12 -37.52
N PRO A 240 1.63 46.62 -36.82
CA PRO A 240 2.00 45.21 -36.97
C PRO A 240 1.14 44.27 -36.14
N LYS A 241 -0.02 44.74 -35.66
CA LYS A 241 -0.86 43.96 -34.76
C LYS A 241 -1.49 42.76 -35.48
N VAL A 242 -0.65 41.76 -35.72
CA VAL A 242 -1.13 40.48 -36.25
C VAL A 242 -1.93 39.77 -35.16
N LEU A 243 -3.01 39.09 -35.56
CA LEU A 243 -3.92 38.49 -34.61
C LEU A 243 -4.42 37.14 -35.12
N CYS A 244 -4.94 36.34 -34.21
CA CYS A 244 -5.46 35.01 -34.50
C CYS A 244 -6.99 35.05 -34.48
N GLY A 245 -7.61 34.42 -35.47
CA GLY A 245 -9.06 34.45 -35.60
C GLY A 245 -9.68 33.15 -36.05
N VAL A 246 -10.92 33.20 -36.53
CA VAL A 246 -11.66 32.00 -36.91
C VAL A 246 -12.39 32.26 -38.22
N ASP A 247 -12.41 31.25 -39.09
CA ASP A 247 -13.02 31.33 -40.41
C ASP A 247 -14.32 30.52 -40.42
N TYR A 248 -15.44 31.18 -40.16
CA TYR A 248 -16.75 30.54 -40.27
C TYR A 248 -17.35 30.73 -41.66
N SER A 249 -16.54 30.37 -42.66
CA SER A 249 -16.93 30.36 -44.08
C SER A 249 -17.15 31.76 -44.62
N HIS A 250 -17.14 32.76 -43.74
CA HIS A 250 -17.13 34.18 -44.10
C HIS A 250 -18.41 34.65 -44.76
N ASP A 251 -19.30 33.72 -45.12
CA ASP A 251 -20.55 34.13 -45.74
C ASP A 251 -21.75 33.27 -45.34
N LYS A 252 -21.61 32.35 -44.39
CA LYS A 252 -22.68 31.40 -44.11
C LYS A 252 -22.65 31.02 -42.63
N ARG A 253 -23.79 30.52 -42.17
CA ARG A 253 -23.93 30.16 -40.76
C ARG A 253 -23.25 28.83 -40.48
N ARG A 254 -22.18 28.89 -39.67
CA ARG A 254 -21.63 27.70 -39.05
C ARG A 254 -21.33 28.04 -37.60
N GLU A 255 -21.19 29.33 -37.33
CA GLU A 255 -20.89 29.81 -35.97
C GLU A 255 -22.03 29.48 -35.03
N ARG A 256 -23.27 29.55 -35.52
CA ARG A 256 -24.42 29.30 -34.67
C ARG A 256 -24.40 27.87 -34.14
N ALA A 257 -24.14 26.90 -35.01
CA ALA A 257 -24.19 25.50 -34.59
C ALA A 257 -23.10 25.18 -33.57
N VAL A 258 -21.86 25.56 -33.87
CA VAL A 258 -20.76 25.29 -32.95
C VAL A 258 -20.99 26.03 -31.63
N ALA A 259 -21.45 27.27 -31.70
CA ALA A 259 -21.69 28.04 -30.48
C ALA A 259 -22.76 27.41 -29.61
N ILE A 260 -23.87 26.99 -30.21
CA ILE A 260 -24.96 26.44 -29.41
C ILE A 260 -24.57 25.08 -28.84
N VAL A 261 -23.88 24.25 -29.62
CA VAL A 261 -23.46 22.94 -29.11
C VAL A 261 -22.44 23.12 -28.00
N ARG A 262 -21.50 24.05 -28.18
CA ARG A 262 -20.52 24.32 -27.13
C ARG A 262 -21.21 24.82 -25.86
N LEU A 263 -22.13 25.77 -26.00
CA LEU A 263 -22.86 26.25 -24.83
C LEU A 263 -23.58 25.11 -24.13
N VAL A 264 -24.33 24.31 -24.88
CA VAL A 264 -25.07 23.21 -24.26
C VAL A 264 -24.11 22.27 -23.54
N LEU A 265 -23.25 21.58 -24.28
CA LEU A 265 -22.45 20.51 -23.70
C LEU A 265 -21.37 21.04 -22.76
N GLY A 266 -21.16 22.34 -22.69
CA GLY A 266 -20.18 22.83 -21.74
C GLY A 266 -20.73 23.57 -20.56
N PHE A 267 -21.96 24.08 -20.62
CA PHE A 267 -22.47 24.85 -19.50
C PHE A 267 -23.85 24.36 -19.05
N LEU A 268 -24.70 23.94 -19.97
CA LEU A 268 -26.05 23.55 -19.57
C LEU A 268 -26.08 22.13 -19.05
N TRP A 269 -25.69 21.17 -19.88
CA TRP A 269 -25.62 19.78 -19.41
C TRP A 269 -24.71 19.61 -18.21
N PRO A 270 -23.52 20.20 -18.15
CA PRO A 270 -22.78 20.18 -16.87
C PRO A 270 -23.53 20.81 -15.72
N LEU A 271 -24.24 21.93 -15.96
CA LEU A 271 -24.95 22.57 -14.87
C LEU A 271 -26.11 21.69 -14.39
N LEU A 272 -26.81 21.05 -15.32
CA LEU A 272 -27.87 20.14 -14.90
C LEU A 272 -27.31 18.95 -14.13
N THR A 273 -26.23 18.35 -14.65
CA THR A 273 -25.66 17.19 -13.96
C THR A 273 -25.03 17.57 -12.63
N LEU A 274 -24.69 18.84 -12.42
CA LEU A 274 -24.28 19.29 -11.09
C LEU A 274 -25.50 19.49 -10.21
N THR A 275 -26.45 20.30 -10.66
CA THR A 275 -27.54 20.75 -9.79
C THR A 275 -28.45 19.58 -9.41
N ILE A 276 -28.92 18.81 -10.39
CA ILE A 276 -29.84 17.72 -10.09
C ILE A 276 -29.15 16.67 -9.21
N CYS A 277 -27.91 16.32 -9.55
CA CYS A 277 -27.22 15.28 -8.80
C CYS A 277 -26.94 15.71 -7.37
N TYR A 278 -26.44 16.94 -7.18
CA TYR A 278 -26.20 17.40 -5.82
C TYR A 278 -27.49 17.61 -5.04
N THR A 279 -28.57 18.02 -5.71
CA THR A 279 -29.85 18.15 -5.02
C THR A 279 -30.35 16.79 -4.54
N PHE A 280 -30.22 15.77 -5.37
CA PHE A 280 -30.63 14.43 -4.95
C PHE A 280 -29.72 13.89 -3.85
N ILE A 281 -28.42 14.21 -3.92
CA ILE A 281 -27.51 13.84 -2.85
C ILE A 281 -27.95 14.46 -1.54
N LEU A 282 -28.32 15.75 -1.57
CA LEU A 282 -28.78 16.42 -0.37
C LEU A 282 -30.09 15.80 0.13
N LEU A 283 -31.01 15.51 -0.78
CA LEU A 283 -32.31 14.98 -0.38
C LEU A 283 -32.16 13.61 0.29
N ARG A 284 -31.34 12.73 -0.29
CA ARG A 284 -31.16 11.41 0.30
C ARG A 284 -30.32 11.47 1.57
N THR A 285 -29.33 12.37 1.61
CA THR A 285 -28.45 12.48 2.76
C THR A 285 -29.21 12.90 4.01
N TRP A 286 -30.11 13.87 3.89
CA TRP A 286 -30.86 14.36 5.03
C TRP A 286 -32.04 13.48 5.40
N SER A 287 -32.54 12.65 4.47
CA SER A 287 -33.69 11.82 4.76
C SER A 287 -33.37 10.76 5.81
N ARG A 288 -32.29 10.02 5.60
CA ARG A 288 -31.89 9.00 6.56
C ARG A 288 -31.17 9.63 7.74
N ARG A 289 -31.30 9.00 8.90
CA ARG A 289 -30.61 9.49 10.09
C ARG A 289 -29.11 9.26 9.96
N ALA A 290 -28.35 10.02 10.75
CA ALA A 290 -26.91 9.82 10.93
C ALA A 290 -26.09 10.23 9.71
N THR A 291 -26.76 10.60 8.61
CA THR A 291 -26.02 11.12 7.46
C THR A 291 -26.13 12.63 7.33
N ARG A 292 -27.07 13.26 8.05
CA ARG A 292 -27.29 14.70 7.93
C ARG A 292 -26.16 15.48 8.57
N SER A 293 -25.02 15.55 7.88
CA SER A 293 -23.86 16.23 8.44
C SER A 293 -23.99 17.75 8.40
N THR A 294 -24.87 18.29 7.56
CA THR A 294 -25.05 19.72 7.35
C THR A 294 -23.79 20.37 6.78
N LYS A 295 -22.75 19.57 6.53
CA LYS A 295 -21.60 20.06 5.77
C LYS A 295 -21.77 19.75 4.29
N THR A 296 -22.57 18.73 3.97
CA THR A 296 -22.87 18.42 2.58
C THR A 296 -23.55 19.60 1.90
N LEU A 297 -24.49 20.24 2.59
CA LEU A 297 -25.14 21.44 2.05
C LEU A 297 -24.12 22.55 1.80
N LYS A 298 -23.22 22.79 2.75
CA LYS A 298 -22.25 23.86 2.58
C LYS A 298 -21.34 23.58 1.38
N VAL A 299 -20.86 22.36 1.25
CA VAL A 299 -19.94 22.04 0.15
C VAL A 299 -20.66 22.08 -1.19
N VAL A 300 -21.88 21.55 -1.24
CA VAL A 300 -22.64 21.56 -2.49
C VAL A 300 -22.93 22.98 -2.94
N VAL A 301 -23.31 23.85 -2.00
CA VAL A 301 -23.54 25.25 -2.36
C VAL A 301 -22.23 25.90 -2.81
N ALA A 302 -21.14 25.68 -2.06
CA ALA A 302 -19.87 26.31 -2.41
C ALA A 302 -19.39 25.86 -3.79
N VAL A 303 -19.78 24.67 -4.23
CA VAL A 303 -19.42 24.24 -5.58
C VAL A 303 -20.35 24.86 -6.61
N VAL A 304 -21.66 24.62 -6.47
CA VAL A 304 -22.59 24.95 -7.54
C VAL A 304 -22.76 26.46 -7.70
N ALA A 305 -22.89 27.19 -6.59
CA ALA A 305 -23.06 28.63 -6.69
C ALA A 305 -21.85 29.28 -7.33
N SER A 306 -20.64 28.86 -6.93
CA SER A 306 -19.43 29.41 -7.53
C SER A 306 -19.36 29.05 -9.01
N PHE A 307 -19.68 27.80 -9.35
CA PHE A 307 -19.69 27.38 -10.75
C PHE A 307 -20.61 28.26 -11.58
N PHE A 308 -21.84 28.46 -11.11
CA PHE A 308 -22.80 29.25 -11.86
C PHE A 308 -22.36 30.71 -11.98
N ILE A 309 -22.02 31.34 -10.85
CA ILE A 309 -21.66 32.74 -10.86
C ILE A 309 -20.35 32.99 -11.61
N PHE A 310 -19.54 31.96 -11.85
CA PHE A 310 -18.29 32.15 -12.55
C PHE A 310 -18.31 31.69 -14.00
N TRP A 311 -19.28 30.87 -14.40
CA TRP A 311 -19.35 30.48 -15.80
C TRP A 311 -20.45 31.18 -16.57
N LEU A 312 -21.54 31.61 -15.91
CA LEU A 312 -22.62 32.23 -16.66
C LEU A 312 -22.20 33.49 -17.40
N PRO A 313 -21.48 34.45 -16.82
CA PRO A 313 -21.07 35.62 -17.62
C PRO A 313 -20.24 35.24 -18.82
N TYR A 314 -19.36 34.25 -18.69
CA TYR A 314 -18.55 33.81 -19.82
C TYR A 314 -19.41 33.20 -20.93
N GLN A 315 -20.26 32.23 -20.57
CA GLN A 315 -20.97 31.47 -21.59
C GLN A 315 -22.09 32.27 -22.23
N VAL A 316 -22.82 33.07 -21.47
CA VAL A 316 -23.89 33.86 -22.07
C VAL A 316 -23.30 34.91 -22.99
N THR A 317 -22.17 35.52 -22.60
CA THR A 317 -21.48 36.45 -23.48
C THR A 317 -21.03 35.75 -24.75
N GLY A 318 -20.49 34.54 -24.63
CA GLY A 318 -20.03 33.82 -25.81
C GLY A 318 -21.16 33.53 -26.77
N ILE A 319 -22.29 33.03 -26.27
CA ILE A 319 -23.39 32.68 -27.16
C ILE A 319 -24.00 33.92 -27.78
N MET A 320 -24.15 35.00 -27.00
CA MET A 320 -24.71 36.23 -27.54
C MET A 320 -23.79 36.82 -28.61
N MET A 321 -22.47 36.82 -28.35
CA MET A 321 -21.52 37.33 -29.33
C MET A 321 -21.54 36.51 -30.60
N SER A 322 -21.62 35.18 -30.48
CA SER A 322 -21.60 34.36 -31.69
C SER A 322 -22.88 34.53 -32.51
N PHE A 323 -24.04 34.61 -31.84
CA PHE A 323 -25.28 34.78 -32.58
C PHE A 323 -25.43 36.19 -33.15
N LEU A 324 -24.99 37.21 -32.41
CA LEU A 324 -25.17 38.59 -32.82
C LEU A 324 -24.23 38.94 -33.97
N GLU A 325 -24.65 39.90 -34.79
CA GLU A 325 -23.88 40.32 -35.95
C GLU A 325 -22.57 40.98 -35.51
N PRO A 326 -21.58 41.05 -36.42
CA PRO A 326 -20.27 41.59 -36.03
C PRO A 326 -20.25 43.10 -35.88
N SER A 327 -21.42 43.72 -35.77
CA SER A 327 -21.53 45.16 -35.60
C SER A 327 -22.51 45.44 -34.47
N SER A 328 -22.90 46.71 -34.35
CA SER A 328 -23.87 47.25 -33.40
C SER A 328 -23.27 47.42 -32.01
N PRO A 329 -23.78 48.38 -31.23
CA PRO A 329 -23.23 48.62 -29.89
C PRO A 329 -23.35 47.43 -28.96
N THR A 330 -24.34 46.55 -29.19
CA THR A 330 -24.41 45.33 -28.38
C THR A 330 -23.10 44.55 -28.51
N PHE A 331 -22.66 44.32 -29.74
CA PHE A 331 -21.37 43.66 -29.94
C PHE A 331 -20.22 44.52 -29.44
N LEU A 332 -20.37 45.84 -29.51
CA LEU A 332 -19.31 46.71 -28.98
C LEU A 332 -19.07 46.45 -27.50
N LEU A 333 -20.13 46.51 -26.69
CA LEU A 333 -19.96 46.25 -25.26
C LEU A 333 -19.61 44.79 -24.99
N LEU A 334 -20.07 43.86 -25.84
CA LEU A 334 -19.68 42.47 -25.62
C LEU A 334 -18.18 42.28 -25.80
N LYS A 335 -17.61 42.87 -26.85
CA LYS A 335 -16.17 42.80 -27.06
C LYS A 335 -15.43 43.55 -25.95
N LYS A 336 -16.04 44.60 -25.42
CA LYS A 336 -15.46 45.28 -24.26
C LYS A 336 -15.43 44.36 -23.04
N LEU A 337 -16.50 43.58 -22.83
CA LEU A 337 -16.64 42.80 -21.60
C LEU A 337 -15.99 41.43 -21.69
N ASP A 338 -15.53 41.02 -22.88
CA ASP A 338 -15.05 39.61 -22.97
C ASP A 338 -13.90 39.37 -22.01
N SER A 339 -12.98 40.29 -21.92
CA SER A 339 -11.82 40.02 -21.07
C SER A 339 -12.25 39.70 -19.65
N LEU A 340 -13.12 40.53 -19.08
CA LEU A 340 -13.61 40.25 -17.73
C LEU A 340 -14.43 38.97 -17.69
N CYS A 341 -15.10 38.65 -18.80
CA CYS A 341 -15.86 37.40 -18.85
C CYS A 341 -14.95 36.18 -18.75
N VAL A 342 -13.83 36.21 -19.47
CA VAL A 342 -12.86 35.14 -19.36
C VAL A 342 -12.23 35.12 -17.97
N SER A 343 -12.03 36.30 -17.39
CA SER A 343 -11.51 36.37 -16.02
C SER A 343 -12.45 35.67 -15.04
N PHE A 344 -13.75 35.91 -15.18
CA PHE A 344 -14.73 35.23 -14.34
C PHE A 344 -14.73 33.73 -14.62
N ALA A 345 -14.56 33.34 -15.88
CA ALA A 345 -14.49 31.92 -16.22
C ALA A 345 -13.31 31.25 -15.51
N TYR A 346 -12.20 31.97 -15.37
CA TYR A 346 -11.00 31.47 -14.70
C TYR A 346 -11.08 31.54 -13.18
N ILE A 347 -11.97 32.37 -12.64
CA ILE A 347 -12.21 32.35 -11.19
C ILE A 347 -12.65 30.95 -10.77
N ASN A 348 -13.43 30.26 -11.61
CA ASN A 348 -13.80 28.89 -11.30
C ASN A 348 -12.60 27.94 -11.33
N CYS A 349 -11.66 28.16 -12.24
CA CYS A 349 -10.43 27.38 -12.22
C CYS A 349 -9.66 27.60 -10.92
N CYS A 350 -9.68 28.82 -10.40
CA CYS A 350 -9.06 29.09 -9.10
C CYS A 350 -9.83 28.40 -7.97
N ILE A 351 -11.16 28.34 -8.08
CA ILE A 351 -11.98 27.91 -6.97
C ILE A 351 -12.05 26.38 -6.88
N ASN A 352 -11.87 25.69 -8.01
CA ASN A 352 -12.00 24.23 -7.98
C ASN A 352 -11.05 23.53 -7.01
N PRO A 353 -9.77 23.86 -6.90
CA PRO A 353 -8.90 23.11 -5.98
C PRO A 353 -8.99 23.57 -4.54
N ILE A 354 -9.34 24.83 -4.30
CA ILE A 354 -9.37 25.34 -2.93
C ILE A 354 -10.44 24.62 -2.13
N ILE A 355 -11.58 24.30 -2.77
CA ILE A 355 -12.64 23.61 -2.04
C ILE A 355 -12.19 22.22 -1.61
N TYR A 356 -11.43 21.53 -2.47
CA TYR A 356 -10.93 20.22 -2.09
C TYR A 356 -9.91 20.33 -0.97
N VAL A 357 -8.96 21.26 -1.09
CA VAL A 357 -7.89 21.30 -0.09
C VAL A 357 -8.44 21.75 1.26
N VAL A 358 -9.47 22.59 1.27
CA VAL A 358 -10.01 23.06 2.54
C VAL A 358 -11.00 22.05 3.12
N ALA A 359 -12.02 21.68 2.35
CA ALA A 359 -13.09 20.86 2.88
C ALA A 359 -12.68 19.40 3.07
N GLY A 360 -11.65 18.95 2.34
CA GLY A 360 -11.24 17.56 2.44
C GLY A 360 -10.55 17.29 3.76
N GLN A 361 -11.19 16.52 4.63
CA GLN A 361 -10.59 16.19 5.91
C GLN A 361 -9.41 15.23 5.72
N GLY A 362 -8.40 15.39 6.56
CA GLY A 362 -7.18 14.61 6.45
C GLY A 362 -6.25 15.14 5.39
N PHE A 363 -6.81 15.82 4.38
CA PHE A 363 -6.05 16.35 3.27
C PHE A 363 -5.45 17.70 3.62
N GLN A 364 -5.34 17.99 4.91
CA GLN A 364 -4.53 19.08 5.41
C GLN A 364 -3.20 18.59 5.94
N GLY A 365 -3.19 17.44 6.64
CA GLY A 365 -1.94 16.82 7.02
C GLY A 365 -1.34 15.95 5.93
N ARG A 366 -2.17 15.46 5.01
CA ARG A 366 -1.65 14.67 3.89
C ARG A 366 -0.69 15.50 3.04
N LEU A 367 -0.93 16.81 2.94
CA LEU A 367 -0.05 17.66 2.16
C LEU A 367 1.33 17.76 2.79
N ARG A 368 1.37 18.01 4.10
CA ARG A 368 2.66 18.09 4.80
C ARG A 368 3.37 16.74 4.81
N LYS A 369 2.63 15.65 4.99
CA LYS A 369 3.23 14.33 5.03
C LYS A 369 3.50 13.74 3.65
N SER A 370 3.11 14.43 2.58
CA SER A 370 3.37 13.94 1.23
C SER A 370 4.86 13.92 0.90
N LEU A 371 5.66 14.74 1.57
CA LEU A 371 7.08 14.81 1.30
C LEU A 371 7.85 13.73 2.06
N SER B 18 20.57 -5.86 -14.56
CA SER B 18 20.26 -6.93 -13.63
C SER B 18 20.49 -8.30 -14.25
N ALA B 19 20.90 -9.25 -13.42
CA ALA B 19 21.13 -10.62 -13.87
C ALA B 19 19.79 -11.32 -14.01
N GLU B 20 19.79 -12.65 -14.10
CA GLU B 20 18.53 -13.38 -14.17
C GLU B 20 17.61 -13.10 -12.98
N GLU B 21 18.08 -12.38 -11.96
CA GLU B 21 17.21 -11.90 -10.91
C GLU B 21 16.08 -11.02 -11.45
N ARG B 22 16.12 -10.66 -12.73
CA ARG B 22 14.95 -10.05 -13.35
C ARG B 22 13.77 -11.00 -13.34
N ALA B 23 14.01 -12.32 -13.37
CA ALA B 23 12.93 -13.27 -13.18
C ALA B 23 12.36 -13.18 -11.77
N ALA B 24 13.21 -13.01 -10.76
CA ALA B 24 12.73 -12.81 -9.41
C ALA B 24 11.93 -11.52 -9.28
N LEU B 25 12.36 -10.48 -9.98
CA LEU B 25 11.61 -9.22 -9.95
C LEU B 25 10.26 -9.37 -10.65
N GLU B 26 10.20 -10.14 -11.74
CA GLU B 26 8.91 -10.41 -12.38
C GLU B 26 8.00 -11.21 -11.45
N ARG B 27 8.56 -12.18 -10.74
CA ARG B 27 7.78 -12.93 -9.75
C ARG B 27 7.26 -11.98 -8.65
N SER B 28 8.10 -11.06 -8.21
CA SER B 28 7.68 -10.08 -7.21
C SER B 28 6.56 -9.20 -7.73
N LYS B 29 6.65 -8.77 -9.00
CA LYS B 29 5.58 -7.97 -9.58
C LYS B 29 4.28 -8.76 -9.64
N ALA B 30 4.36 -10.05 -9.98
CA ALA B 30 3.17 -10.89 -9.95
C ALA B 30 2.60 -11.01 -8.55
N ILE B 31 3.48 -11.13 -7.55
CA ILE B 31 3.02 -11.22 -6.16
C ILE B 31 2.35 -9.92 -5.74
N GLU B 32 2.90 -8.78 -6.14
CA GLU B 32 2.29 -7.50 -5.80
C GLU B 32 0.92 -7.36 -6.46
N LYS B 33 0.81 -7.79 -7.72
CA LYS B 33 -0.49 -7.78 -8.39
C LYS B 33 -1.49 -8.67 -7.66
N ASN B 34 -1.04 -9.84 -7.22
CA ASN B 34 -1.94 -10.73 -6.50
C ASN B 34 -2.36 -10.15 -5.16
N LEU B 35 -1.45 -9.47 -4.46
CA LEU B 35 -1.83 -8.78 -3.23
C LEU B 35 -2.87 -7.70 -3.49
N LYS B 36 -2.70 -6.93 -4.56
CA LYS B 36 -3.67 -5.90 -4.89
C LYS B 36 -5.03 -6.51 -5.22
N GLU B 37 -5.03 -7.60 -5.99
CA GLU B 37 -6.28 -8.27 -6.31
C GLU B 37 -6.96 -8.83 -5.06
N ASP B 38 -6.20 -9.40 -4.13
CA ASP B 38 -6.78 -9.90 -2.89
C ASP B 38 -7.31 -8.76 -2.02
N GLY B 39 -6.62 -7.62 -2.03
CA GLY B 39 -7.12 -6.46 -1.30
C GLY B 39 -8.43 -5.94 -1.85
N ILE B 40 -8.53 -5.88 -3.18
CA ILE B 40 -9.79 -5.47 -3.80
C ILE B 40 -10.89 -6.47 -3.51
N SER B 41 -10.59 -7.76 -3.62
CA SER B 41 -11.61 -8.79 -3.42
C SER B 41 -12.10 -8.83 -1.98
N ALA B 42 -11.20 -8.62 -1.02
CA ALA B 42 -11.60 -8.71 0.37
C ALA B 42 -12.38 -7.47 0.82
N ALA B 43 -12.02 -6.30 0.28
CA ALA B 43 -12.68 -5.06 0.67
C ALA B 43 -14.14 -5.02 0.22
N LYS B 44 -14.52 -5.81 -0.78
CA LYS B 44 -15.91 -5.82 -1.22
C LYS B 44 -16.85 -6.41 -0.19
N ASP B 45 -16.32 -7.09 0.82
CA ASP B 45 -17.13 -7.56 1.93
C ASP B 45 -17.15 -6.51 3.04
N VAL B 46 -18.02 -6.73 4.01
CA VAL B 46 -18.19 -5.82 5.14
C VAL B 46 -17.98 -6.59 6.44
N LYS B 47 -17.26 -5.99 7.38
CA LYS B 47 -16.89 -6.63 8.63
C LYS B 47 -17.80 -6.15 9.74
N LEU B 48 -18.31 -7.09 10.54
CA LEU B 48 -19.20 -6.79 11.65
C LEU B 48 -18.74 -7.55 12.88
N LEU B 49 -18.37 -6.83 13.93
CA LEU B 49 -18.03 -7.42 15.21
C LEU B 49 -19.32 -7.70 15.97
N LEU B 50 -19.44 -8.90 16.50
CA LEU B 50 -20.68 -9.32 17.17
C LEU B 50 -20.52 -9.37 18.68
N LEU B 51 -19.76 -8.43 19.25
CA LEU B 51 -19.52 -8.45 20.69
C LEU B 51 -20.82 -8.29 21.46
N GLY B 52 -20.97 -9.08 22.52
CA GLY B 52 -22.20 -9.05 23.29
C GLY B 52 -22.04 -9.83 24.57
N ALA B 53 -23.10 -9.79 25.38
CA ALA B 53 -23.11 -10.49 26.65
C ALA B 53 -23.21 -11.99 26.45
N ASP B 54 -22.76 -12.75 27.45
CA ASP B 54 -22.77 -14.20 27.36
C ASP B 54 -24.20 -14.71 27.31
N ASN B 55 -24.44 -15.71 26.45
CA ASN B 55 -25.74 -16.34 26.27
C ASN B 55 -26.82 -15.34 25.87
N SER B 56 -26.46 -14.33 25.09
CA SER B 56 -27.41 -13.32 24.64
C SER B 56 -28.09 -13.69 23.32
N GLY B 57 -28.00 -14.95 22.91
CA GLY B 57 -28.65 -15.36 21.68
C GLY B 57 -27.95 -14.94 20.41
N LYS B 58 -26.64 -14.66 20.47
CA LYS B 58 -25.90 -14.29 19.28
C LYS B 58 -25.91 -15.43 18.26
N SER B 59 -25.77 -16.67 18.74
CA SER B 59 -25.89 -17.82 17.86
C SER B 59 -27.25 -17.85 17.17
N THR B 60 -28.31 -17.43 17.86
CA THR B 60 -29.62 -17.36 17.22
C THR B 60 -29.67 -16.30 16.13
N ILE B 61 -29.10 -15.12 16.38
CA ILE B 61 -29.17 -14.05 15.38
C ILE B 61 -28.29 -14.37 14.18
N VAL B 62 -27.30 -15.26 14.34
CA VAL B 62 -26.53 -15.66 13.16
C VAL B 62 -27.19 -16.84 12.46
N LYS B 63 -27.81 -17.75 13.21
CA LYS B 63 -28.49 -18.88 12.59
C LYS B 63 -29.69 -18.43 11.77
N GLN B 64 -30.44 -17.45 12.30
CA GLN B 64 -31.58 -16.91 11.55
C GLN B 64 -31.12 -16.29 10.23
N MET B 65 -30.01 -15.55 10.26
CA MET B 65 -29.43 -15.02 9.03
C MET B 65 -28.80 -16.13 8.19
N LYS B 66 -28.54 -17.29 8.77
CA LYS B 66 -27.92 -18.42 8.09
C LYS B 66 -26.57 -18.03 7.49
N THR B 79 -12.33 -21.91 18.13
CA THR B 79 -12.39 -21.66 19.56
C THR B 79 -12.09 -20.18 19.83
N GLY B 80 -11.41 -19.55 18.89
CA GLY B 80 -11.17 -18.12 18.95
C GLY B 80 -12.28 -17.35 18.26
N ILE B 81 -11.90 -16.46 17.33
CA ILE B 81 -12.89 -15.71 16.57
C ILE B 81 -13.61 -16.65 15.62
N VAL B 82 -14.92 -16.80 15.80
CA VAL B 82 -15.73 -17.66 14.94
C VAL B 82 -16.24 -16.77 13.80
N GLU B 83 -15.44 -16.64 12.76
CA GLU B 83 -15.73 -15.68 11.70
C GLU B 83 -16.84 -16.17 10.79
N THR B 84 -18.03 -16.37 11.37
CA THR B 84 -19.17 -16.76 10.55
C THR B 84 -19.54 -15.65 9.59
N HIS B 85 -20.08 -16.04 8.43
CA HIS B 85 -20.34 -15.09 7.35
C HIS B 85 -21.70 -15.39 6.74
N PHE B 86 -22.32 -14.34 6.21
CA PHE B 86 -23.53 -14.48 5.42
C PHE B 86 -23.60 -13.31 4.45
N THR B 87 -24.29 -13.52 3.34
CA THR B 87 -24.39 -12.52 2.29
C THR B 87 -25.85 -12.19 2.06
N PHE B 88 -26.16 -10.90 1.99
CA PHE B 88 -27.54 -10.44 1.87
C PHE B 88 -27.62 -9.33 0.84
N LYS B 89 -28.40 -9.56 -0.22
CA LYS B 89 -28.64 -8.57 -1.27
C LYS B 89 -27.33 -7.99 -1.81
N ASN B 90 -26.51 -8.86 -2.38
CA ASN B 90 -25.29 -8.51 -3.10
C ASN B 90 -24.19 -8.03 -2.16
N LEU B 91 -24.46 -7.94 -0.86
CA LEU B 91 -23.49 -7.51 0.12
C LEU B 91 -23.08 -8.69 0.99
N HIS B 92 -21.77 -8.88 1.17
CA HIS B 92 -21.25 -10.00 1.94
C HIS B 92 -20.83 -9.52 3.33
N PHE B 93 -21.43 -10.12 4.36
CA PHE B 93 -21.16 -9.75 5.74
C PHE B 93 -20.17 -10.71 6.36
N ARG B 94 -19.07 -10.17 6.89
CA ARG B 94 -18.14 -10.93 7.72
C ARG B 94 -18.49 -10.64 9.17
N LEU B 95 -19.02 -11.65 9.86
CA LEU B 95 -19.65 -11.48 11.15
C LEU B 95 -18.80 -12.18 12.23
N PHE B 96 -17.84 -11.44 12.77
CA PHE B 96 -16.84 -12.01 13.68
C PHE B 96 -17.41 -12.07 15.10
N ASP B 97 -17.74 -13.26 15.56
CA ASP B 97 -18.20 -13.44 16.94
C ASP B 97 -16.97 -13.59 17.82
N VAL B 98 -16.53 -12.49 18.42
CA VAL B 98 -15.27 -12.50 19.18
C VAL B 98 -15.42 -13.01 20.59
N GLY B 99 -16.61 -13.43 21.00
CA GLY B 99 -16.83 -13.87 22.37
C GLY B 99 -16.41 -15.30 22.66
N GLY B 100 -15.87 -16.02 21.67
CA GLY B 100 -15.55 -17.42 21.87
C GLY B 100 -14.36 -17.65 22.78
N GLN B 101 -13.48 -16.66 22.90
CA GLN B 101 -12.26 -16.78 23.69
C GLN B 101 -12.33 -15.86 24.90
N ARG B 102 -11.95 -16.38 26.06
CA ARG B 102 -12.04 -15.62 27.31
C ARG B 102 -10.73 -14.88 27.55
N SER B 103 -10.77 -13.55 27.47
CA SER B 103 -9.62 -12.71 27.75
C SER B 103 -10.12 -11.29 27.97
N GLU B 104 -9.25 -10.46 28.52
CA GLU B 104 -9.60 -9.06 28.70
C GLU B 104 -9.75 -8.39 27.33
N ARG B 105 -10.85 -7.65 27.17
CA ARG B 105 -11.14 -7.05 25.88
C ARG B 105 -10.07 -6.05 25.46
N LYS B 106 -9.41 -5.42 26.44
CA LYS B 106 -8.45 -4.37 26.12
C LYS B 106 -7.25 -4.89 25.34
N LYS B 107 -6.99 -6.19 25.37
CA LYS B 107 -5.79 -6.75 24.75
C LYS B 107 -6.00 -7.21 23.31
N TRP B 108 -7.25 -7.40 22.88
CA TRP B 108 -7.51 -7.86 21.53
C TRP B 108 -8.54 -7.03 20.77
N ILE B 109 -9.15 -6.02 21.40
CA ILE B 109 -10.16 -5.24 20.71
C ILE B 109 -9.56 -4.32 19.67
N HIS B 110 -8.26 -4.01 19.76
CA HIS B 110 -7.64 -3.17 18.76
C HIS B 110 -7.55 -3.86 17.41
N CYS B 111 -7.61 -5.19 17.37
CA CYS B 111 -7.63 -5.90 16.10
C CYS B 111 -8.91 -5.66 15.34
N PHE B 112 -9.99 -5.28 16.03
CA PHE B 112 -11.25 -4.97 15.40
C PHE B 112 -11.47 -3.48 15.19
N GLU B 113 -10.41 -2.67 15.26
CA GLU B 113 -10.50 -1.32 14.76
C GLU B 113 -10.77 -1.36 13.26
N ASP B 114 -11.43 -0.32 12.75
CA ASP B 114 -11.80 -0.22 11.35
C ASP B 114 -12.84 -1.25 10.95
N VAL B 115 -13.53 -1.85 11.92
CA VAL B 115 -14.74 -2.60 11.62
C VAL B 115 -15.88 -1.63 11.38
N THR B 116 -16.76 -1.96 10.44
CA THR B 116 -17.80 -1.01 10.05
C THR B 116 -18.85 -0.82 11.13
N ALA B 117 -19.26 -1.88 11.83
CA ALA B 117 -20.31 -1.76 12.82
C ALA B 117 -20.27 -2.93 13.79
N ILE B 118 -20.63 -2.65 15.04
CA ILE B 118 -20.75 -3.67 16.08
C ILE B 118 -22.19 -4.18 16.07
N ILE B 119 -22.36 -5.49 16.20
CA ILE B 119 -23.69 -6.08 16.13
C ILE B 119 -24.19 -6.36 17.55
N PHE B 120 -23.71 -5.55 18.50
CA PHE B 120 -24.01 -5.72 19.92
C PHE B 120 -25.42 -6.25 20.17
N CYS B 121 -25.52 -7.28 20.99
CA CYS B 121 -26.78 -7.91 21.31
C CYS B 121 -26.91 -8.04 22.82
N VAL B 122 -28.15 -7.95 23.31
CA VAL B 122 -28.44 -8.04 24.73
C VAL B 122 -29.67 -8.91 24.94
N ASP B 123 -29.58 -9.87 25.86
CA ASP B 123 -30.71 -10.69 26.26
C ASP B 123 -31.44 -10.00 27.41
N LEU B 124 -32.76 -10.12 27.42
CA LEU B 124 -33.59 -9.45 28.41
C LEU B 124 -33.89 -10.32 29.64
N SER B 125 -33.28 -11.50 29.74
CA SER B 125 -33.53 -12.40 30.86
C SER B 125 -32.71 -12.05 32.10
N ASP B 126 -31.77 -11.11 32.00
CA ASP B 126 -30.93 -10.75 33.13
C ASP B 126 -31.72 -10.08 34.24
N MET B 130 -27.69 -8.63 34.47
CA MET B 130 -28.09 -7.77 33.36
C MET B 130 -27.23 -6.52 33.31
N HIS B 131 -26.85 -6.01 34.49
CA HIS B 131 -25.99 -4.83 34.55
C HIS B 131 -24.61 -5.10 34.00
N GLU B 132 -24.20 -6.37 33.91
CA GLU B 132 -22.95 -6.70 33.22
C GLU B 132 -23.04 -6.31 31.75
N SER B 133 -24.20 -6.51 31.13
CA SER B 133 -24.39 -6.06 29.75
C SER B 133 -24.27 -4.54 29.65
N LEU B 134 -24.83 -3.82 30.63
CA LEU B 134 -24.72 -2.37 30.64
C LEU B 134 -23.26 -1.94 30.76
N MET B 135 -22.50 -2.58 31.64
CA MET B 135 -21.09 -2.25 31.79
C MET B 135 -20.31 -2.52 30.51
N LEU B 136 -20.59 -3.67 29.87
CA LEU B 136 -19.93 -3.99 28.61
C LEU B 136 -20.26 -2.96 27.53
N PHE B 137 -21.53 -2.56 27.46
CA PHE B 137 -21.92 -1.56 26.48
C PHE B 137 -21.21 -0.24 26.74
N ASP B 138 -21.24 0.23 27.99
CA ASP B 138 -20.57 1.49 28.32
C ASP B 138 -19.09 1.43 28.02
N SER B 139 -18.50 0.23 28.11
CA SER B 139 -17.09 0.09 27.72
C SER B 139 -16.93 0.17 26.21
N ILE B 140 -17.89 -0.38 25.46
CA ILE B 140 -17.71 -0.48 24.01
C ILE B 140 -17.88 0.87 23.34
N CYS B 141 -19.04 1.51 23.51
CA CYS B 141 -19.34 2.68 22.70
C CYS B 141 -18.43 3.86 22.99
N ASN B 142 -17.91 3.96 24.22
CA ASN B 142 -17.01 5.04 24.58
C ASN B 142 -15.54 4.66 24.39
N ASN B 143 -15.27 3.48 23.83
CA ASN B 143 -13.90 3.05 23.61
C ASN B 143 -13.23 3.95 22.58
N LYS B 144 -11.92 4.11 22.71
CA LYS B 144 -11.19 5.02 21.84
C LYS B 144 -11.25 4.60 20.37
N PHE B 145 -11.11 3.29 20.11
CA PHE B 145 -11.08 2.82 18.73
C PHE B 145 -12.46 2.91 18.07
N PHE B 146 -13.52 2.77 18.85
CA PHE B 146 -14.87 2.75 18.32
C PHE B 146 -15.61 4.06 18.51
N ILE B 147 -14.89 5.18 18.56
CA ILE B 147 -15.52 6.48 18.73
C ILE B 147 -16.29 6.92 17.49
N ASP B 148 -16.12 6.23 16.37
CA ASP B 148 -16.80 6.60 15.13
C ASP B 148 -17.53 5.43 14.48
N THR B 149 -17.75 4.34 15.21
CA THR B 149 -18.36 3.14 14.66
C THR B 149 -19.80 3.00 15.15
N SER B 150 -20.72 2.75 14.23
CA SER B 150 -22.11 2.57 14.59
C SER B 150 -22.30 1.26 15.33
N ILE B 151 -23.42 1.17 16.05
CA ILE B 151 -23.74 0.00 16.87
C ILE B 151 -25.17 -0.42 16.57
N ILE B 152 -25.36 -1.65 16.13
CA ILE B 152 -26.71 -2.17 15.92
C ILE B 152 -27.14 -2.94 17.16
N LEU B 153 -27.69 -2.24 18.13
CA LEU B 153 -28.05 -2.84 19.41
C LEU B 153 -29.29 -3.71 19.19
N PHE B 154 -29.14 -5.01 19.38
CA PHE B 154 -30.26 -5.92 19.30
C PHE B 154 -30.80 -6.21 20.69
N LEU B 155 -32.10 -5.97 20.89
CA LEU B 155 -32.79 -6.44 22.07
C LEU B 155 -33.38 -7.81 21.76
N ASN B 156 -32.80 -8.86 22.33
CA ASN B 156 -33.10 -10.23 21.94
C ASN B 156 -34.06 -10.88 22.93
N LYS B 157 -34.85 -11.82 22.41
CA LYS B 157 -35.76 -12.64 23.22
C LYS B 157 -36.73 -11.77 24.01
N LYS B 158 -37.47 -10.93 23.29
CA LYS B 158 -38.41 -10.02 23.93
C LYS B 158 -39.64 -10.75 24.48
N ASP B 159 -39.95 -11.92 23.93
CA ASP B 159 -41.12 -12.67 24.39
C ASP B 159 -40.97 -13.09 25.84
N LEU B 160 -39.79 -13.61 26.22
CA LEU B 160 -39.58 -13.96 27.61
C LEU B 160 -39.53 -12.72 28.50
N PHE B 161 -39.12 -11.58 27.94
CA PHE B 161 -39.22 -10.33 28.70
C PHE B 161 -40.66 -9.99 29.00
N GLY B 162 -41.56 -10.15 28.02
CA GLY B 162 -42.96 -9.95 28.26
C GLY B 162 -43.50 -10.91 29.31
N GLU B 163 -43.09 -12.17 29.24
CA GLU B 163 -43.50 -13.14 30.25
C GLU B 163 -43.01 -12.73 31.63
N LYS B 164 -41.77 -12.26 31.74
CA LYS B 164 -41.22 -11.85 33.03
C LYS B 164 -41.95 -10.65 33.59
N ILE B 165 -42.20 -9.64 32.75
CA ILE B 165 -42.90 -8.45 33.24
C ILE B 165 -44.34 -8.78 33.61
N LYS B 166 -44.93 -9.78 32.95
CA LYS B 166 -46.23 -10.27 33.39
C LYS B 166 -46.11 -10.96 34.74
N LYS B 167 -45.01 -11.67 34.98
CA LYS B 167 -44.84 -12.39 36.22
C LYS B 167 -44.18 -11.57 37.32
N SER B 168 -43.24 -10.69 36.96
CA SER B 168 -42.49 -9.95 37.98
C SER B 168 -42.34 -8.51 37.51
N PRO B 169 -42.27 -7.55 38.44
CA PRO B 169 -42.05 -6.16 38.05
C PRO B 169 -40.61 -5.91 37.65
N LEU B 170 -40.42 -4.89 36.81
CA LEU B 170 -39.09 -4.56 36.32
C LEU B 170 -38.21 -3.94 37.40
N THR B 171 -38.81 -3.44 38.49
CA THR B 171 -38.02 -2.79 39.53
C THR B 171 -37.03 -3.74 40.19
N ILE B 172 -37.26 -5.06 40.10
CA ILE B 172 -36.32 -6.02 40.65
C ILE B 172 -34.99 -5.97 39.93
N CYS B 173 -34.96 -5.46 38.70
CA CYS B 173 -33.73 -5.28 37.94
C CYS B 173 -33.30 -3.83 37.86
N PHE B 174 -34.24 -2.90 37.74
CA PHE B 174 -33.97 -1.46 37.72
C PHE B 174 -34.77 -0.79 38.83
N PRO B 175 -34.17 -0.59 40.00
CA PRO B 175 -34.92 0.03 41.11
C PRO B 175 -35.42 1.43 40.80
N GLU B 176 -34.72 2.19 39.95
CA GLU B 176 -35.10 3.56 39.69
C GLU B 176 -36.20 3.71 38.66
N TYR B 177 -36.69 2.60 38.10
CA TYR B 177 -37.77 2.64 37.12
C TYR B 177 -39.08 3.02 37.81
N THR B 178 -39.69 4.12 37.37
CA THR B 178 -40.90 4.63 37.98
C THR B 178 -42.17 4.22 37.23
N GLY B 179 -42.05 3.77 35.98
CA GLY B 179 -43.21 3.45 35.19
C GLY B 179 -43.83 2.13 35.60
N PRO B 180 -45.00 1.85 35.04
CA PRO B 180 -45.67 0.57 35.30
C PRO B 180 -44.99 -0.58 34.59
N ASN B 181 -45.53 -1.77 34.80
CA ASN B 181 -44.95 -3.00 34.27
C ASN B 181 -45.44 -3.35 32.88
N THR B 182 -46.05 -2.42 32.15
CA THR B 182 -46.51 -2.73 30.80
C THR B 182 -45.33 -2.80 29.84
N TYR B 183 -45.58 -3.41 28.69
CA TYR B 183 -44.51 -3.82 27.78
C TYR B 183 -43.76 -2.60 27.21
N GLU B 184 -44.51 -1.67 26.62
CA GLU B 184 -43.91 -0.67 25.75
C GLU B 184 -42.97 0.26 26.51
N ASP B 185 -43.45 0.82 27.63
CA ASP B 185 -42.63 1.80 28.35
C ASP B 185 -41.42 1.15 29.00
N ALA B 186 -41.56 -0.09 29.47
CA ALA B 186 -40.41 -0.80 30.04
C ALA B 186 -39.35 -1.05 28.98
N ALA B 187 -39.78 -1.51 27.80
CA ALA B 187 -38.83 -1.71 26.72
C ALA B 187 -38.16 -0.41 26.32
N ALA B 188 -38.94 0.66 26.23
CA ALA B 188 -38.37 1.96 25.90
C ALA B 188 -37.39 2.42 26.96
N TYR B 189 -37.70 2.18 28.24
CA TYR B 189 -36.81 2.58 29.32
C TYR B 189 -35.48 1.87 29.22
N ILE B 190 -35.51 0.54 29.02
CA ILE B 190 -34.25 -0.19 28.99
C ILE B 190 -33.45 0.18 27.74
N GLN B 191 -34.13 0.38 26.61
CA GLN B 191 -33.44 0.81 25.39
C GLN B 191 -32.79 2.17 25.60
N ALA B 192 -33.50 3.11 26.24
CA ALA B 192 -32.93 4.42 26.51
C ALA B 192 -31.78 4.33 27.49
N GLN B 193 -31.87 3.42 28.46
CA GLN B 193 -30.80 3.23 29.41
C GLN B 193 -29.53 2.77 28.71
N PHE B 194 -29.67 1.82 27.78
CA PHE B 194 -28.53 1.39 26.99
C PHE B 194 -27.99 2.56 26.14
N GLU B 195 -28.89 3.27 25.48
CA GLU B 195 -28.48 4.33 24.56
C GLU B 195 -27.78 5.48 25.29
N SER B 196 -28.15 5.72 26.55
CA SER B 196 -27.62 6.88 27.27
C SER B 196 -26.13 6.75 27.57
N LYS B 197 -25.55 5.56 27.39
CA LYS B 197 -24.12 5.38 27.66
C LYS B 197 -23.23 5.99 26.58
N ASN B 198 -23.81 6.47 25.47
CA ASN B 198 -23.03 7.16 24.47
C ASN B 198 -22.45 8.45 25.04
N ARG B 199 -21.19 8.73 24.68
CA ARG B 199 -20.53 9.98 25.07
C ARG B 199 -19.93 10.68 23.86
N SER B 200 -20.49 10.45 22.68
CA SER B 200 -20.01 11.06 21.44
C SER B 200 -21.18 11.15 20.46
N PRO B 201 -21.77 12.34 20.28
CA PRO B 201 -22.96 12.45 19.44
C PRO B 201 -22.74 12.07 17.98
N ASN B 202 -21.50 12.07 17.49
CA ASN B 202 -21.24 11.69 16.12
C ASN B 202 -21.55 10.22 15.85
N LYS B 203 -21.56 9.38 16.89
CA LYS B 203 -21.97 8.00 16.73
C LYS B 203 -23.49 7.89 16.64
N GLU B 204 -23.96 6.67 16.45
CA GLU B 204 -25.38 6.39 16.47
C GLU B 204 -25.59 4.94 16.88
N ILE B 205 -26.71 4.68 17.53
CA ILE B 205 -27.02 3.37 18.11
C ILE B 205 -28.38 2.96 17.57
N TYR B 206 -28.39 2.02 16.63
CA TYR B 206 -29.64 1.67 15.96
C TYR B 206 -30.37 0.57 16.71
N CYS B 207 -30.79 0.87 17.95
CA CYS B 207 -31.42 -0.14 18.79
C CYS B 207 -32.65 -0.72 18.11
N HIS B 208 -32.81 -2.04 18.25
CA HIS B 208 -33.91 -2.75 17.62
C HIS B 208 -34.27 -3.94 18.49
N MET B 209 -35.56 -4.30 18.48
CA MET B 209 -36.06 -5.42 19.26
C MET B 209 -36.54 -6.51 18.30
N THR B 210 -35.98 -7.71 18.44
CA THR B 210 -36.22 -8.76 17.47
C THR B 210 -37.37 -9.69 17.86
N CYS B 211 -37.49 -10.05 19.14
CA CYS B 211 -38.53 -10.97 19.61
C CYS B 211 -38.48 -12.30 18.85
N ALA B 212 -37.27 -12.76 18.56
CA ALA B 212 -37.04 -14.06 17.93
C ALA B 212 -37.73 -14.18 16.57
N THR B 213 -37.85 -13.07 15.86
CA THR B 213 -38.46 -13.07 14.54
C THR B 213 -37.42 -13.38 13.47
N ASP B 214 -37.90 -13.84 12.32
CA ASP B 214 -37.00 -14.21 11.22
C ASP B 214 -36.91 -13.10 10.19
N THR B 215 -35.71 -12.96 9.62
CA THR B 215 -35.44 -12.16 8.42
C THR B 215 -35.55 -10.66 8.68
N ASN B 216 -35.95 -10.26 9.89
CA ASN B 216 -35.98 -8.84 10.20
C ASN B 216 -34.66 -8.38 10.78
N ASN B 217 -33.98 -9.24 11.53
CA ASN B 217 -32.65 -8.92 12.04
C ASN B 217 -31.68 -8.68 10.88
N ALA B 218 -31.73 -9.54 9.86
CA ALA B 218 -30.93 -9.32 8.67
C ALA B 218 -31.28 -8.00 8.01
N GLN B 219 -32.57 -7.66 7.98
CA GLN B 219 -32.99 -6.43 7.33
C GLN B 219 -32.45 -5.19 8.06
N VAL B 220 -32.55 -5.17 9.38
CA VAL B 220 -32.05 -4.00 10.10
C VAL B 220 -30.54 -3.93 10.02
N ILE B 221 -29.85 -5.08 10.07
CA ILE B 221 -28.40 -5.07 9.91
C ILE B 221 -28.03 -4.51 8.54
N PHE B 222 -28.75 -4.93 7.50
CA PHE B 222 -28.48 -4.44 6.15
C PHE B 222 -28.73 -2.95 6.03
N ASP B 223 -29.82 -2.46 6.61
CA ASP B 223 -30.11 -1.03 6.58
C ASP B 223 -29.02 -0.25 7.30
N ALA B 224 -28.59 -0.74 8.46
CA ALA B 224 -27.54 -0.08 9.21
C ALA B 224 -26.25 -0.02 8.42
N VAL B 225 -25.86 -1.15 7.82
CA VAL B 225 -24.61 -1.18 7.06
C VAL B 225 -24.71 -0.31 5.83
N THR B 226 -25.88 -0.24 5.19
CA THR B 226 -26.05 0.66 4.06
C THR B 226 -25.85 2.11 4.48
N ASP B 227 -26.44 2.50 5.61
CA ASP B 227 -26.26 3.86 6.11
C ASP B 227 -24.78 4.12 6.38
N ILE B 228 -24.10 3.15 6.99
CA ILE B 228 -22.70 3.34 7.35
C ILE B 228 -21.83 3.49 6.12
N ILE B 229 -22.05 2.66 5.10
CA ILE B 229 -21.20 2.77 3.91
C ILE B 229 -21.51 4.04 3.16
N ILE B 230 -22.77 4.50 3.16
CA ILE B 230 -23.08 5.78 2.53
C ILE B 230 -22.35 6.91 3.25
N ALA B 231 -22.34 6.86 4.59
CA ALA B 231 -21.63 7.88 5.36
C ALA B 231 -20.13 7.85 5.06
N ASN B 232 -19.55 6.66 4.98
CA ASN B 232 -18.13 6.57 4.66
C ASN B 232 -17.84 7.07 3.24
N ASN B 233 -18.70 6.75 2.29
CA ASN B 233 -18.53 7.23 0.92
C ASN B 233 -18.57 8.74 0.87
N LEU B 234 -19.50 9.34 1.61
CA LEU B 234 -19.55 10.80 1.70
C LEU B 234 -18.27 11.34 2.33
N ARG B 235 -17.77 10.69 3.38
CA ARG B 235 -16.56 11.16 4.04
C ARG B 235 -15.36 11.12 3.10
N GLY B 236 -15.30 10.11 2.24
CA GLY B 236 -14.19 10.02 1.31
C GLY B 236 -14.17 11.15 0.30
N CYS B 237 -15.32 11.46 -0.30
CA CYS B 237 -15.40 12.48 -1.33
C CYS B 237 -15.24 13.89 -0.78
N GLY B 238 -15.29 14.07 0.53
CA GLY B 238 -15.19 15.40 1.09
C GLY B 238 -16.50 16.12 1.26
N LEU B 239 -17.62 15.42 1.04
CA LEU B 239 -18.92 15.99 1.37
C LEU B 239 -19.16 16.04 2.86
N TYR B 240 -18.36 15.33 3.65
CA TYR B 240 -18.36 15.46 5.10
C TYR B 240 -17.23 16.38 5.54
N GLU C 13 -1.54 -24.25 57.73
CA GLU C 13 -2.85 -23.61 57.56
C GLU C 13 -2.85 -22.71 56.33
N LEU C 14 -4.04 -22.47 55.78
CA LEU C 14 -4.16 -21.62 54.60
C LEU C 14 -3.71 -20.19 54.89
N ASP C 15 -4.07 -19.67 56.06
CA ASP C 15 -3.65 -18.32 56.41
C ASP C 15 -2.15 -18.26 56.68
N GLN C 16 -1.60 -19.29 57.32
CA GLN C 16 -0.18 -19.28 57.67
C GLN C 16 0.70 -19.24 56.43
N LEU C 17 0.40 -20.07 55.43
CA LEU C 17 1.18 -20.06 54.20
C LEU C 17 1.05 -18.74 53.45
N ARG C 18 -0.13 -18.14 53.47
CA ARG C 18 -0.30 -16.82 52.85
C ARG C 18 0.54 -15.78 53.58
N GLN C 19 0.58 -15.84 54.91
CA GLN C 19 1.43 -14.94 55.68
C GLN C 19 2.90 -15.20 55.38
N GLU C 20 3.30 -16.47 55.30
CA GLU C 20 4.68 -16.79 54.99
C GLU C 20 5.00 -16.50 53.52
N ALA C 21 3.98 -16.51 52.65
CA ALA C 21 4.21 -16.10 51.28
C ALA C 21 4.63 -14.64 51.20
N GLU C 22 3.96 -13.78 51.97
CA GLU C 22 4.42 -12.39 52.10
C GLU C 22 5.77 -12.35 52.81
N GLN C 23 5.95 -13.21 53.82
CA GLN C 23 7.22 -13.26 54.54
C GLN C 23 8.35 -13.70 53.62
N LEU C 24 8.04 -14.54 52.64
CA LEU C 24 9.04 -14.87 51.61
C LEU C 24 9.29 -13.67 50.70
N LYS C 25 8.23 -12.94 50.38
CA LYS C 25 8.33 -11.86 49.39
C LYS C 25 9.24 -10.74 49.87
N ASN C 26 9.15 -10.37 51.15
CA ASN C 26 9.90 -9.20 51.62
C ASN C 26 11.37 -9.54 51.79
N GLN C 27 11.69 -10.76 52.23
CA GLN C 27 13.08 -11.08 52.51
C GLN C 27 13.88 -11.30 51.22
N ILE C 28 13.23 -11.77 50.15
CA ILE C 28 13.93 -11.81 48.86
C ILE C 28 14.17 -10.39 48.35
N ARG C 29 13.21 -9.49 48.60
CA ARG C 29 13.42 -8.09 48.25
C ARG C 29 14.58 -7.50 49.04
N ASP C 30 14.67 -7.84 50.33
CA ASP C 30 15.78 -7.35 51.15
C ASP C 30 17.11 -7.87 50.61
N ALA C 31 17.16 -9.16 50.27
CA ALA C 31 18.35 -9.70 49.64
C ALA C 31 18.58 -9.05 48.28
N ARG C 32 17.52 -8.82 47.52
CA ARG C 32 17.63 -8.12 46.25
C ARG C 32 18.16 -6.71 46.45
N LYS C 33 17.67 -6.01 47.47
CA LYS C 33 18.18 -4.68 47.78
C LYS C 33 19.59 -4.75 48.34
N ALA C 34 19.95 -5.86 49.00
CA ALA C 34 21.29 -6.00 49.56
C ALA C 34 22.37 -6.00 48.50
N CYS C 35 22.09 -6.55 47.32
CA CYS C 35 23.07 -6.58 46.25
C CYS C 35 23.08 -5.31 45.42
N ALA C 36 22.24 -4.33 45.77
CA ALA C 36 22.06 -3.12 44.98
C ALA C 36 23.04 -2.01 45.37
N ASP C 37 24.23 -2.38 45.84
CA ASP C 37 25.21 -1.42 46.35
C ASP C 37 25.55 -0.31 45.36
N ALA C 38 25.27 -0.49 44.08
CA ALA C 38 25.52 0.55 43.10
C ALA C 38 24.56 0.36 41.93
N THR C 39 24.47 1.39 41.09
CA THR C 39 23.60 1.37 39.92
C THR C 39 24.40 1.76 38.68
N LEU C 40 23.92 1.29 37.53
CA LEU C 40 24.64 1.52 36.27
C LEU C 40 24.67 2.99 35.89
N SER C 41 23.72 3.78 36.40
CA SER C 41 23.61 5.18 36.01
C SER C 41 24.84 5.99 36.42
N GLN C 42 25.46 5.68 37.55
CA GLN C 42 26.68 6.38 37.96
C GLN C 42 27.93 5.72 37.41
N ILE C 43 27.88 4.40 37.16
CA ILE C 43 29.04 3.72 36.59
C ILE C 43 29.28 4.17 35.16
N THR C 44 28.22 4.48 34.42
CA THR C 44 28.37 4.89 33.02
C THR C 44 29.04 6.25 32.87
N ASN C 45 29.39 6.93 33.96
CA ASN C 45 30.01 8.25 33.84
C ASN C 45 31.39 8.17 33.19
N ASN C 46 32.02 6.99 33.19
CA ASN C 46 33.38 6.85 32.68
C ASN C 46 33.45 6.64 31.18
N ILE C 47 32.31 6.60 30.49
CA ILE C 47 32.29 6.34 29.05
C ILE C 47 31.57 7.46 28.33
N ASP C 48 31.84 7.58 27.03
CA ASP C 48 31.26 8.59 26.16
C ASP C 48 29.93 8.13 25.59
N PRO C 49 28.98 9.04 25.40
CA PRO C 49 27.73 8.67 24.71
C PRO C 49 27.93 8.58 23.21
N VAL C 50 26.92 8.01 22.55
CA VAL C 50 26.99 7.76 21.11
C VAL C 50 26.57 8.95 20.26
N GLY C 51 26.03 10.00 20.87
CA GLY C 51 25.64 11.15 20.09
C GLY C 51 24.32 10.95 19.34
N ARG C 52 24.11 11.78 18.33
CA ARG C 52 22.88 11.74 17.56
C ARG C 52 22.97 10.66 16.50
N ILE C 53 22.15 9.62 16.64
CA ILE C 53 22.11 8.52 15.67
C ILE C 53 21.04 8.89 14.66
N GLN C 54 21.49 9.40 13.51
CA GLN C 54 20.58 9.87 12.46
C GLN C 54 20.29 8.77 11.44
N MET C 55 19.56 7.76 11.91
CA MET C 55 19.13 6.69 11.00
C MET C 55 18.13 7.23 10.00
N ARG C 56 18.23 6.75 8.75
CA ARG C 56 17.40 7.24 7.66
C ARG C 56 16.74 6.07 6.96
N THR C 57 15.58 6.32 6.38
CA THR C 57 14.80 5.28 5.72
C THR C 57 15.52 4.86 4.45
N ARG C 58 16.21 3.72 4.51
CA ARG C 58 16.88 3.17 3.34
C ARG C 58 15.93 2.40 2.43
N ARG C 59 14.69 2.19 2.84
CA ARG C 59 13.74 1.45 2.02
C ARG C 59 12.33 1.69 2.53
N THR C 60 11.36 1.24 1.75
CA THR C 60 9.97 1.17 2.18
C THR C 60 9.33 -0.03 1.51
N LEU C 61 8.82 -0.95 2.31
CA LEU C 61 8.25 -2.18 1.80
C LEU C 61 6.73 -2.07 1.74
N ARG C 62 6.28 -1.27 0.78
CA ARG C 62 4.86 -0.93 0.65
C ARG C 62 4.05 -2.02 -0.03
N GLY C 63 3.98 -3.21 0.55
CA GLY C 63 3.17 -4.26 -0.02
C GLY C 63 1.90 -4.49 0.78
N HIS C 64 1.97 -4.22 2.08
CA HIS C 64 0.82 -4.42 2.95
C HIS C 64 -0.18 -3.30 2.80
N LEU C 65 -1.46 -3.66 2.91
CA LEU C 65 -2.54 -2.69 2.84
C LEU C 65 -3.16 -2.38 4.19
N ALA C 66 -2.87 -3.16 5.23
CA ALA C 66 -3.59 -3.04 6.49
C ALA C 66 -2.70 -3.48 7.65
N LYS C 67 -2.06 -2.51 8.31
CA LYS C 67 -1.61 -2.69 9.69
C LYS C 67 -0.71 -3.90 9.91
N ILE C 68 0.53 -3.83 9.43
CA ILE C 68 1.45 -4.96 9.57
C ILE C 68 1.81 -5.11 11.04
N TYR C 69 1.16 -6.06 11.72
CA TYR C 69 1.27 -6.21 13.17
C TYR C 69 2.67 -6.55 13.63
N ALA C 70 3.28 -7.59 13.07
CA ALA C 70 4.53 -8.11 13.57
C ALA C 70 5.46 -8.49 12.43
N MET C 71 6.76 -8.40 12.69
CA MET C 71 7.77 -8.74 11.70
C MET C 71 8.94 -9.44 12.40
N HIS C 72 9.74 -10.15 11.61
CA HIS C 72 10.89 -10.86 12.14
C HIS C 72 11.94 -10.99 11.05
N TRP C 73 13.20 -10.72 11.40
CA TRP C 73 14.30 -10.87 10.46
C TRP C 73 14.76 -12.32 10.39
N GLY C 74 15.12 -12.76 9.19
CA GLY C 74 15.73 -14.06 9.05
C GLY C 74 17.16 -14.06 9.53
N THR C 75 17.72 -15.27 9.67
CA THR C 75 19.10 -15.38 10.12
C THR C 75 20.07 -14.81 9.08
N ASP C 76 19.67 -14.83 7.81
CA ASP C 76 20.51 -14.28 6.75
C ASP C 76 20.74 -12.80 6.89
N SER C 77 19.95 -12.11 7.71
CA SER C 77 19.89 -10.65 7.71
C SER C 77 19.48 -10.11 6.36
N ARG C 78 18.74 -10.90 5.59
CA ARG C 78 18.30 -10.51 4.26
C ARG C 78 16.81 -10.56 4.04
N LEU C 79 16.06 -11.38 4.79
CA LEU C 79 14.65 -11.56 4.56
C LEU C 79 13.85 -11.14 5.78
N LEU C 80 12.62 -10.69 5.54
CA LEU C 80 11.66 -10.42 6.60
C LEU C 80 10.50 -11.38 6.48
N VAL C 81 9.76 -11.50 7.55
CA VAL C 81 8.42 -12.06 7.52
C VAL C 81 7.50 -11.03 8.14
N SER C 82 6.38 -10.74 7.50
CA SER C 82 5.49 -9.74 8.05
C SER C 82 4.05 -10.26 8.08
N ALA C 83 3.38 -10.03 9.19
CA ALA C 83 2.01 -10.45 9.38
C ALA C 83 1.13 -9.22 9.49
N SER C 84 -0.09 -9.30 8.96
CA SER C 84 -0.97 -8.15 8.94
C SER C 84 -2.42 -8.59 9.01
N GLN C 85 -3.30 -7.62 9.29
CA GLN C 85 -4.73 -7.90 9.25
C GLN C 85 -5.19 -8.34 7.86
N ASP C 86 -4.40 -8.04 6.83
CA ASP C 86 -4.79 -8.38 5.46
C ASP C 86 -4.89 -9.87 5.23
N GLY C 87 -4.39 -10.68 6.15
CA GLY C 87 -4.42 -12.11 5.97
C GLY C 87 -3.29 -12.66 5.15
N LYS C 88 -2.36 -11.82 4.73
CA LYS C 88 -1.22 -12.23 3.92
C LYS C 88 0.04 -12.16 4.75
N LEU C 89 0.73 -13.29 4.86
CA LEU C 89 2.03 -13.37 5.51
C LEU C 89 3.07 -13.38 4.41
N ILE C 90 3.34 -12.22 3.85
CA ILE C 90 4.32 -12.10 2.78
C ILE C 90 5.69 -11.95 3.42
N ILE C 91 6.71 -12.53 2.79
CA ILE C 91 8.07 -12.45 3.28
C ILE C 91 8.91 -11.68 2.26
N TRP C 92 9.68 -10.72 2.74
CA TRP C 92 10.28 -9.69 1.92
C TRP C 92 11.75 -10.00 1.66
N ASP C 93 12.32 -9.29 0.70
CA ASP C 93 13.76 -9.24 0.52
C ASP C 93 14.20 -7.83 0.86
N SER C 94 15.17 -7.70 1.76
CA SER C 94 15.45 -6.41 2.35
C SER C 94 16.14 -5.44 1.39
N TYR C 95 16.84 -5.94 0.37
CA TYR C 95 17.49 -5.06 -0.61
C TYR C 95 16.69 -4.92 -1.89
N THR C 96 16.36 -6.02 -2.55
CA THR C 96 15.64 -5.90 -3.81
C THR C 96 14.18 -5.48 -3.61
N THR C 97 13.69 -5.44 -2.37
CA THR C 97 12.32 -5.07 -2.02
C THR C 97 11.32 -6.10 -2.51
N ASN C 98 11.78 -7.14 -3.19
CA ASN C 98 10.91 -8.13 -3.80
C ASN C 98 10.06 -8.82 -2.75
N LYS C 99 8.86 -9.27 -3.16
CA LYS C 99 8.04 -10.15 -2.34
C LYS C 99 8.32 -11.58 -2.79
N VAL C 100 9.21 -12.28 -2.09
CA VAL C 100 9.61 -13.61 -2.55
C VAL C 100 8.59 -14.68 -2.19
N HIS C 101 7.66 -14.41 -1.28
CA HIS C 101 6.58 -15.32 -0.95
C HIS C 101 5.38 -14.53 -0.47
N ALA C 102 4.19 -15.07 -0.69
CA ALA C 102 2.96 -14.49 -0.14
C ALA C 102 2.10 -15.64 0.34
N ILE C 103 2.30 -16.03 1.60
CA ILE C 103 1.56 -17.15 2.18
C ILE C 103 0.17 -16.67 2.58
N PRO C 104 -0.90 -17.30 2.11
CA PRO C 104 -2.24 -16.89 2.53
C PRO C 104 -2.68 -17.60 3.80
N LEU C 105 -3.13 -16.84 4.79
CA LEU C 105 -3.37 -17.36 6.13
C LEU C 105 -4.77 -17.93 6.28
N ARG C 106 -4.90 -18.84 7.25
CA ARG C 106 -6.21 -19.40 7.59
C ARG C 106 -7.09 -18.42 8.34
N SER C 107 -6.50 -17.54 9.15
CA SER C 107 -7.23 -16.48 9.83
C SER C 107 -6.40 -15.22 9.79
N SER C 108 -7.05 -14.10 9.54
CA SER C 108 -6.34 -12.86 9.25
C SER C 108 -5.98 -12.06 10.50
N TRP C 109 -6.25 -12.58 11.69
CA TRP C 109 -5.98 -11.86 12.93
C TRP C 109 -4.64 -12.28 13.55
N VAL C 110 -3.54 -12.01 12.85
CA VAL C 110 -2.24 -12.51 13.27
C VAL C 110 -1.44 -11.40 13.95
N MET C 111 -1.05 -11.62 15.21
CA MET C 111 -0.09 -10.76 15.88
C MET C 111 1.27 -11.43 16.06
N THR C 112 1.40 -12.69 15.65
CA THR C 112 2.62 -13.46 15.82
C THR C 112 3.18 -13.84 14.46
N CYS C 113 4.47 -13.67 14.28
CA CYS C 113 5.18 -14.21 13.13
C CYS C 113 6.60 -14.54 13.55
N ALA C 114 7.12 -15.63 13.02
CA ALA C 114 8.44 -16.08 13.42
C ALA C 114 9.15 -16.68 12.22
N TYR C 115 10.44 -16.37 12.10
CA TYR C 115 11.27 -16.89 11.03
C TYR C 115 12.27 -17.86 11.64
N ALA C 116 12.23 -19.11 11.18
CA ALA C 116 13.07 -20.13 11.75
C ALA C 116 14.54 -19.78 11.55
N PRO C 117 15.41 -20.13 12.50
CA PRO C 117 16.83 -19.79 12.34
C PRO C 117 17.47 -20.43 11.12
N SER C 118 16.96 -21.58 10.65
CA SER C 118 17.47 -22.19 9.44
C SER C 118 16.92 -21.54 8.17
N GLY C 119 15.85 -20.76 8.29
CA GLY C 119 15.21 -20.18 7.14
C GLY C 119 14.18 -21.06 6.47
N ASN C 120 14.04 -22.31 6.88
CA ASN C 120 13.08 -23.19 6.22
C ASN C 120 11.65 -22.85 6.60
N TYR C 121 11.40 -22.59 7.87
CA TYR C 121 10.05 -22.54 8.40
C TYR C 121 9.65 -21.12 8.78
N VAL C 122 8.38 -20.81 8.58
CA VAL C 122 7.77 -19.58 9.06
C VAL C 122 6.49 -19.95 9.78
N ALA C 123 6.27 -19.35 10.96
CA ALA C 123 5.10 -19.63 11.75
C ALA C 123 4.38 -18.35 12.12
N CYS C 124 3.07 -18.42 12.19
CA CYS C 124 2.25 -17.28 12.59
C CYS C 124 1.00 -17.79 13.28
N GLY C 125 0.42 -16.94 14.10
CA GLY C 125 -0.79 -17.29 14.84
C GLY C 125 -1.37 -16.05 15.46
N GLY C 126 -2.52 -16.22 16.12
CA GLY C 126 -3.21 -15.09 16.69
C GLY C 126 -4.52 -15.44 17.36
N LEU C 127 -5.57 -14.68 17.04
CA LEU C 127 -6.84 -14.77 17.75
C LEU C 127 -7.57 -16.07 17.44
N ASP C 128 -6.91 -17.02 16.79
CA ASP C 128 -7.51 -18.29 16.44
C ASP C 128 -7.09 -19.43 17.36
N ASN C 129 -6.28 -19.15 18.38
CA ASN C 129 -5.80 -20.14 19.35
C ASN C 129 -4.98 -21.26 18.71
N ILE C 130 -4.53 -21.09 17.48
CA ILE C 130 -3.81 -22.14 16.75
C ILE C 130 -2.53 -21.54 16.19
N CYS C 131 -1.41 -22.23 16.40
CA CYS C 131 -0.15 -21.84 15.78
C CYS C 131 0.00 -22.59 14.47
N SER C 132 0.07 -21.86 13.36
CA SER C 132 0.26 -22.45 12.05
C SER C 132 1.74 -22.33 11.67
N ILE C 133 2.34 -23.45 11.31
CA ILE C 133 3.75 -23.49 10.94
C ILE C 133 3.84 -23.81 9.45
N TYR C 134 4.52 -22.94 8.71
CA TYR C 134 4.55 -22.99 7.25
C TYR C 134 5.91 -23.49 6.78
N ASN C 135 5.89 -24.42 5.83
CA ASN C 135 7.10 -24.98 5.25
C ASN C 135 7.37 -24.27 3.92
N LEU C 136 8.49 -23.54 3.86
CA LEU C 136 8.79 -22.76 2.67
C LEU C 136 9.49 -23.55 1.58
N LYS C 137 10.25 -24.58 1.94
CA LYS C 137 11.09 -25.31 1.00
C LYS C 137 10.39 -26.55 0.46
N THR C 138 9.08 -26.50 0.28
CA THR C 138 8.35 -27.65 -0.22
C THR C 138 8.77 -27.96 -1.65
N ARG C 139 8.82 -29.26 -1.97
CA ARG C 139 9.12 -29.67 -3.33
C ARG C 139 8.01 -29.30 -4.31
N GLU C 140 6.78 -29.09 -3.82
CA GLU C 140 5.71 -28.63 -4.68
C GLU C 140 5.87 -27.19 -5.11
N GLY C 141 6.76 -26.43 -4.48
CA GLY C 141 7.07 -25.09 -4.90
C GLY C 141 6.37 -23.97 -4.16
N ASN C 142 5.37 -24.28 -3.34
CA ASN C 142 4.59 -23.27 -2.64
C ASN C 142 4.59 -23.52 -1.14
N VAL C 143 4.55 -22.42 -0.37
CA VAL C 143 4.50 -22.52 1.08
C VAL C 143 3.18 -23.11 1.50
N ARG C 144 3.23 -24.10 2.39
CA ARG C 144 2.03 -24.78 2.86
C ARG C 144 2.16 -25.07 4.34
N VAL C 145 1.01 -25.32 4.97
CA VAL C 145 0.94 -25.56 6.41
C VAL C 145 1.70 -26.84 6.74
N SER C 146 2.70 -26.74 7.62
CA SER C 146 3.36 -27.95 8.08
C SER C 146 2.52 -28.66 9.12
N ARG C 147 2.29 -28.01 10.26
CA ARG C 147 1.35 -28.48 11.27
C ARG C 147 0.68 -27.30 11.92
N GLU C 148 -0.53 -27.54 12.45
CA GLU C 148 -1.27 -26.55 13.20
C GLU C 148 -1.25 -26.95 14.67
N LEU C 149 -0.72 -26.07 15.51
CA LEU C 149 -0.39 -26.42 16.90
C LEU C 149 -1.55 -26.06 17.82
N ALA C 150 -2.61 -26.84 17.72
CA ALA C 150 -3.75 -26.68 18.62
C ALA C 150 -3.37 -27.14 20.02
N GLY C 151 -3.98 -26.53 21.03
CA GLY C 151 -3.66 -26.88 22.41
C GLY C 151 -3.72 -25.70 23.36
N HIS C 152 -3.65 -24.49 22.84
CA HIS C 152 -3.90 -23.32 23.66
C HIS C 152 -5.39 -23.01 23.70
N THR C 153 -5.78 -22.21 24.69
CA THR C 153 -7.15 -21.73 24.81
C THR C 153 -7.30 -20.23 24.59
N GLY C 154 -6.26 -19.44 24.84
CA GLY C 154 -6.30 -18.02 24.56
C GLY C 154 -5.65 -17.68 23.24
N TYR C 155 -5.65 -16.38 22.94
CA TYR C 155 -4.96 -15.91 21.75
C TYR C 155 -3.45 -16.10 21.90
N LEU C 156 -2.79 -16.43 20.80
CA LEU C 156 -1.33 -16.48 20.79
C LEU C 156 -0.77 -15.08 20.64
N SER C 157 0.32 -14.80 21.34
CA SER C 157 0.87 -13.47 21.35
C SER C 157 2.29 -13.37 20.83
N CYS C 158 3.03 -14.47 20.78
CA CYS C 158 4.37 -14.45 20.22
C CYS C 158 4.80 -15.88 19.92
N CYS C 159 5.65 -16.02 18.91
CA CYS C 159 6.22 -17.30 18.55
C CYS C 159 7.71 -17.13 18.30
N ARG C 160 8.48 -18.12 18.73
CA ARG C 160 9.91 -18.14 18.45
C ARG C 160 10.33 -19.59 18.20
N PHE C 161 11.26 -19.76 17.26
CA PHE C 161 11.78 -21.08 16.95
C PHE C 161 13.08 -21.32 17.69
N LEU C 162 13.10 -22.35 18.53
CA LEU C 162 14.37 -22.81 19.09
C LEU C 162 15.20 -23.47 18.00
N ASP C 163 14.58 -24.38 17.25
CA ASP C 163 15.18 -24.98 16.07
C ASP C 163 14.02 -25.38 15.16
N ASP C 164 14.37 -26.07 14.07
CA ASP C 164 13.35 -26.41 13.08
C ASP C 164 12.28 -27.34 13.63
N ASN C 165 12.52 -28.00 14.76
CA ASN C 165 11.61 -29.03 15.25
C ASN C 165 10.83 -28.63 16.49
N GLN C 166 11.22 -27.57 17.20
CA GLN C 166 10.52 -27.20 18.43
C GLN C 166 10.35 -25.69 18.51
N ILE C 167 9.14 -25.26 18.87
CA ILE C 167 8.76 -23.86 18.90
C ILE C 167 8.17 -23.54 20.27
N VAL C 168 8.54 -22.38 20.81
CA VAL C 168 8.05 -21.91 22.10
C VAL C 168 7.01 -20.83 21.87
N THR C 169 5.89 -20.94 22.57
CA THR C 169 4.71 -20.11 22.30
C THR C 169 4.27 -19.40 23.56
N SER C 170 3.89 -18.14 23.42
CA SER C 170 3.30 -17.37 24.52
C SER C 170 1.86 -17.03 24.16
N SER C 171 0.96 -17.21 25.11
CA SER C 171 -0.46 -17.15 24.81
C SER C 171 -1.18 -16.23 25.79
N GLY C 172 -2.46 -16.04 25.53
CA GLY C 172 -3.27 -15.15 26.36
C GLY C 172 -3.82 -15.82 27.62
N ASP C 173 -3.81 -17.14 27.68
CA ASP C 173 -4.39 -17.82 28.84
C ASP C 173 -3.33 -18.00 29.92
N THR C 174 -2.34 -17.12 29.93
CA THR C 174 -1.34 -17.01 30.99
C THR C 174 -0.41 -18.21 31.05
N THR C 175 -0.27 -18.97 29.97
CA THR C 175 0.64 -20.11 29.94
C THR C 175 1.47 -20.08 28.68
N CYS C 176 2.79 -20.04 28.83
CA CYS C 176 3.67 -20.35 27.72
C CYS C 176 3.74 -21.85 27.54
N ALA C 177 4.01 -22.28 26.32
CA ALA C 177 4.11 -23.69 26.02
C ALA C 177 5.28 -23.91 25.09
N LEU C 178 5.83 -25.12 25.13
CA LEU C 178 6.88 -25.52 24.22
C LEU C 178 6.44 -26.80 23.54
N TRP C 179 6.39 -26.77 22.21
CA TRP C 179 5.93 -27.89 21.42
C TRP C 179 7.09 -28.53 20.70
N ASP C 180 6.88 -29.74 20.23
CA ASP C 180 7.71 -30.32 19.18
C ASP C 180 6.89 -30.39 17.91
N ILE C 181 7.48 -29.97 16.79
CA ILE C 181 6.75 -29.93 15.54
C ILE C 181 6.73 -31.30 14.88
N GLU C 182 7.50 -32.26 15.41
CA GLU C 182 7.51 -33.59 14.83
C GLU C 182 6.14 -34.26 14.88
N THR C 183 5.41 -34.07 15.97
CA THR C 183 4.06 -34.64 16.09
C THR C 183 3.00 -33.62 16.50
N GLY C 184 3.37 -32.42 16.95
CA GLY C 184 2.42 -31.39 17.29
C GLY C 184 1.89 -31.43 18.71
N GLN C 185 2.35 -32.36 19.53
CA GLN C 185 1.90 -32.43 20.90
C GLN C 185 2.58 -31.35 21.74
N GLN C 186 1.85 -30.86 22.74
CA GLN C 186 2.44 -29.91 23.68
C GLN C 186 3.38 -30.65 24.61
N THR C 187 4.60 -30.94 24.13
CA THR C 187 5.55 -31.72 24.90
C THR C 187 5.84 -31.12 26.26
N THR C 188 5.97 -29.80 26.36
CA THR C 188 6.16 -29.15 27.64
C THR C 188 5.20 -27.97 27.72
N THR C 189 4.61 -27.79 28.89
CA THR C 189 3.80 -26.62 29.18
C THR C 189 4.44 -25.85 30.32
N PHE C 190 4.23 -24.54 30.31
CA PHE C 190 4.72 -23.68 31.36
C PHE C 190 3.54 -23.01 32.03
N THR C 191 3.73 -22.62 33.29
CA THR C 191 2.68 -21.96 34.05
C THR C 191 3.34 -21.13 35.14
N GLY C 192 2.55 -20.24 35.72
CA GLY C 192 3.05 -19.30 36.70
C GLY C 192 2.80 -17.85 36.37
N HIS C 193 1.87 -17.55 35.46
CA HIS C 193 1.50 -16.18 35.15
C HIS C 193 0.03 -15.98 35.47
N THR C 194 -0.32 -14.76 35.87
CA THR C 194 -1.70 -14.41 36.16
C THR C 194 -2.38 -13.71 34.98
N GLY C 195 -1.71 -12.72 34.38
CA GLY C 195 -2.25 -12.03 33.23
C GLY C 195 -1.90 -12.73 31.93
N ASP C 196 -2.34 -12.12 30.83
CA ASP C 196 -2.08 -12.67 29.51
C ASP C 196 -0.61 -12.47 29.16
N VAL C 197 0.04 -13.55 28.74
CA VAL C 197 1.45 -13.47 28.35
C VAL C 197 1.50 -12.81 26.96
N MET C 198 2.25 -11.72 26.86
CA MET C 198 2.16 -10.90 25.66
C MET C 198 3.40 -11.00 24.77
N SER C 199 4.59 -11.12 25.34
CA SER C 199 5.78 -11.12 24.53
C SER C 199 6.73 -12.20 25.03
N LEU C 200 7.64 -12.62 24.14
CA LEU C 200 8.50 -13.76 24.39
C LEU C 200 9.80 -13.55 23.64
N SER C 201 10.93 -13.74 24.33
CA SER C 201 12.25 -13.49 23.75
C SER C 201 13.19 -14.63 24.11
N LEU C 202 13.51 -15.48 23.13
CA LEU C 202 14.45 -16.56 23.36
C LEU C 202 15.85 -16.02 23.58
N ALA C 203 16.56 -16.62 24.54
CA ALA C 203 17.92 -16.22 24.83
C ALA C 203 18.85 -16.67 23.69
N PRO C 204 20.00 -16.00 23.54
CA PRO C 204 20.94 -16.41 22.50
C PRO C 204 21.40 -17.86 22.63
N ASP C 205 21.56 -18.34 23.86
CA ASP C 205 21.96 -19.72 24.09
C ASP C 205 20.83 -20.73 23.84
N THR C 206 19.61 -20.26 23.64
CA THR C 206 18.42 -21.08 23.43
C THR C 206 18.15 -22.03 24.60
N ARG C 207 18.79 -21.82 25.75
CA ARG C 207 18.54 -22.62 26.93
C ARG C 207 17.62 -21.93 27.94
N LEU C 208 17.20 -20.69 27.66
CA LEU C 208 16.30 -19.96 28.54
C LEU C 208 15.51 -18.98 27.71
N PHE C 209 14.37 -18.53 28.24
CA PHE C 209 13.59 -17.51 27.55
C PHE C 209 12.70 -16.76 28.54
N VAL C 210 12.69 -15.45 28.39
CA VAL C 210 11.92 -14.56 29.26
C VAL C 210 10.61 -14.20 28.55
N SER C 211 9.54 -14.08 29.33
CA SER C 211 8.27 -13.63 28.79
C SER C 211 7.69 -12.55 29.70
N GLY C 212 7.03 -11.58 29.08
CA GLY C 212 6.32 -10.53 29.79
C GLY C 212 4.82 -10.75 29.63
N ALA C 213 4.06 -10.32 30.63
CA ALA C 213 2.63 -10.56 30.63
C ALA C 213 1.89 -9.32 31.12
N CYS C 214 0.57 -9.45 31.20
CA CYS C 214 -0.27 -8.31 31.56
C CYS C 214 -0.14 -7.92 33.02
N ASP C 215 0.39 -8.80 33.87
CA ASP C 215 0.53 -8.47 35.28
C ASP C 215 1.83 -7.75 35.61
N ALA C 216 2.46 -7.12 34.62
CA ALA C 216 3.69 -6.33 34.79
C ALA C 216 4.85 -7.16 35.31
N SER C 217 4.80 -8.47 35.17
CA SER C 217 5.84 -9.36 35.68
C SER C 217 6.51 -10.09 34.52
N ALA C 218 7.84 -10.06 34.51
CA ALA C 218 8.64 -10.78 33.55
C ALA C 218 9.48 -11.83 34.27
N LYS C 219 9.55 -13.03 33.70
CA LYS C 219 10.24 -14.12 34.36
C LYS C 219 10.96 -14.96 33.32
N LEU C 220 12.03 -15.63 33.74
CA LEU C 220 12.92 -16.37 32.86
C LEU C 220 12.76 -17.86 33.11
N TRP C 221 12.23 -18.58 32.11
CA TRP C 221 12.12 -20.03 32.19
C TRP C 221 13.39 -20.71 31.73
N ASP C 222 13.54 -21.96 32.17
CA ASP C 222 14.43 -22.89 31.50
C ASP C 222 13.61 -23.73 30.53
N VAL C 223 14.15 -23.98 29.34
CA VAL C 223 13.38 -24.71 28.34
C VAL C 223 13.41 -26.21 28.60
N ARG C 224 14.35 -26.70 29.41
CA ARG C 224 14.43 -28.12 29.71
C ARG C 224 13.38 -28.59 30.71
N GLU C 225 12.89 -27.69 31.56
CA GLU C 225 11.89 -28.05 32.57
C GLU C 225 10.97 -26.86 32.79
N GLY C 226 9.72 -27.17 33.15
CA GLY C 226 8.70 -26.15 33.26
C GLY C 226 8.79 -25.26 34.47
N MET C 227 10.00 -25.09 35.02
CA MET C 227 10.20 -24.33 36.25
C MET C 227 10.74 -22.94 35.93
N CYS C 228 10.00 -21.92 36.36
CA CYS C 228 10.50 -20.56 36.31
C CYS C 228 11.65 -20.39 37.29
N ARG C 229 12.66 -19.60 36.90
CA ARG C 229 13.83 -19.45 37.74
C ARG C 229 13.89 -18.11 38.48
N GLN C 230 13.45 -17.02 37.85
CA GLN C 230 13.49 -15.72 38.49
C GLN C 230 12.32 -14.90 37.99
N THR C 231 11.94 -13.88 38.76
CA THR C 231 10.81 -13.03 38.43
C THR C 231 11.21 -11.57 38.58
N PHE C 232 10.66 -10.73 37.72
CA PHE C 232 10.97 -9.30 37.72
C PHE C 232 9.67 -8.51 37.69
N THR C 233 9.57 -7.48 38.53
CA THR C 233 8.33 -6.73 38.67
C THR C 233 8.54 -5.22 38.67
N GLY C 234 9.48 -4.72 37.87
CA GLY C 234 9.75 -3.28 37.87
C GLY C 234 8.59 -2.43 37.36
N HIS C 235 7.87 -2.93 36.37
CA HIS C 235 6.88 -2.10 35.69
C HIS C 235 5.60 -1.99 36.50
N GLU C 236 4.75 -1.03 36.11
CA GLU C 236 3.43 -0.90 36.70
C GLU C 236 2.32 -1.50 35.84
N SER C 237 2.48 -1.53 34.52
CA SER C 237 1.40 -1.97 33.65
C SER C 237 1.88 -3.09 32.74
N ASP C 238 0.96 -3.59 31.91
CA ASP C 238 1.15 -4.82 31.14
C ASP C 238 2.40 -4.75 30.28
N ILE C 239 3.21 -5.81 30.35
CA ILE C 239 4.47 -5.88 29.61
C ILE C 239 4.18 -6.15 28.14
N ASN C 240 4.24 -5.09 27.33
CA ASN C 240 3.96 -5.23 25.90
C ASN C 240 5.14 -5.84 25.15
N ALA C 241 6.36 -5.47 25.50
CA ALA C 241 7.54 -5.86 24.74
C ALA C 241 8.62 -6.37 25.66
N ILE C 242 9.38 -7.36 25.19
CA ILE C 242 10.49 -7.93 25.93
C ILE C 242 11.52 -8.42 24.95
N CYS C 243 12.80 -8.26 25.29
CA CYS C 243 13.87 -8.66 24.39
C CYS C 243 15.14 -8.93 25.18
N PHE C 244 15.75 -10.08 24.96
CA PHE C 244 17.01 -10.40 25.61
C PHE C 244 18.13 -9.49 25.12
N PHE C 245 19.00 -9.10 26.05
CA PHE C 245 20.22 -8.40 25.70
C PHE C 245 21.10 -9.33 24.87
N PRO C 246 21.87 -8.80 23.92
CA PRO C 246 22.65 -9.68 23.02
C PRO C 246 23.57 -10.64 23.74
N ASN C 247 24.18 -10.22 24.85
CA ASN C 247 25.09 -11.10 25.57
C ASN C 247 24.35 -12.25 26.25
N GLY C 248 23.05 -12.09 26.49
CA GLY C 248 22.24 -13.14 27.07
C GLY C 248 22.12 -13.11 28.58
N ASN C 249 22.83 -12.21 29.25
CA ASN C 249 22.76 -12.11 30.71
C ASN C 249 21.76 -11.08 31.19
N ALA C 250 21.16 -10.31 30.28
CA ALA C 250 20.25 -9.23 30.64
C ALA C 250 19.09 -9.21 29.66
N PHE C 251 18.08 -8.42 30.00
CA PHE C 251 16.97 -8.21 29.08
C PHE C 251 16.21 -6.96 29.48
N ALA C 252 15.55 -6.35 28.50
CA ALA C 252 14.76 -5.15 28.69
C ALA C 252 13.29 -5.43 28.38
N THR C 253 12.43 -4.52 28.85
CA THR C 253 10.99 -4.70 28.71
C THR C 253 10.35 -3.37 28.34
N GLY C 254 9.17 -3.46 27.73
CA GLY C 254 8.38 -2.29 27.39
C GLY C 254 6.91 -2.50 27.67
N SER C 255 6.21 -1.45 28.11
CA SER C 255 4.84 -1.58 28.57
C SER C 255 4.03 -0.36 28.18
N ASP C 256 2.78 -0.33 28.66
CA ASP C 256 1.98 0.88 28.60
C ASP C 256 2.48 1.95 29.55
N ASP C 257 3.46 1.62 30.41
CA ASP C 257 4.12 2.61 31.25
C ASP C 257 4.77 3.73 30.46
N ALA C 258 4.84 3.61 29.13
CA ALA C 258 5.51 4.58 28.27
C ALA C 258 6.98 4.71 28.61
N THR C 259 7.58 3.62 29.12
CA THR C 259 8.99 3.63 29.46
C THR C 259 9.50 2.20 29.42
N CYS C 260 10.79 2.07 29.08
CA CYS C 260 11.45 0.78 29.05
C CYS C 260 12.41 0.65 30.21
N ARG C 261 12.54 -0.59 30.70
CA ARG C 261 13.45 -0.88 31.80
C ARG C 261 14.31 -2.07 31.43
N LEU C 262 15.54 -2.07 31.95
CA LEU C 262 16.51 -3.12 31.67
C LEU C 262 16.74 -3.92 32.94
N PHE C 263 16.62 -5.23 32.82
CA PHE C 263 16.78 -6.14 33.95
C PHE C 263 18.03 -6.97 33.76
N ASP C 264 18.47 -7.63 34.82
CA ASP C 264 19.64 -8.50 34.78
C ASP C 264 19.22 -9.88 35.27
N LEU C 265 19.62 -10.91 34.54
CA LEU C 265 19.23 -12.27 34.91
C LEU C 265 19.89 -12.73 36.19
N ARG C 266 21.08 -12.24 36.50
CA ARG C 266 21.81 -12.64 37.69
C ARG C 266 21.63 -11.70 38.87
N ALA C 267 21.63 -10.38 38.63
CA ALA C 267 21.31 -9.44 39.70
C ALA C 267 19.84 -9.50 40.11
N ASP C 268 18.97 -10.03 39.24
CA ASP C 268 17.57 -10.25 39.54
C ASP C 268 16.85 -8.97 39.98
N GLN C 269 17.19 -7.84 39.37
CA GLN C 269 16.54 -6.58 39.70
C GLN C 269 16.70 -5.60 38.56
N GLU C 270 15.84 -4.58 38.58
CA GLU C 270 15.86 -3.55 37.55
C GLU C 270 17.16 -2.76 37.60
N LEU C 271 17.69 -2.41 36.42
CA LEU C 271 18.91 -1.64 36.34
C LEU C 271 18.72 -0.24 35.77
N MET C 272 17.77 -0.05 34.87
CA MET C 272 17.53 1.23 34.23
C MET C 272 16.03 1.39 34.02
N THR C 273 15.60 2.65 33.88
CA THR C 273 14.24 2.97 33.44
C THR C 273 14.34 4.06 32.40
N TYR C 274 13.94 3.74 31.17
CA TYR C 274 14.13 4.64 30.03
C TYR C 274 12.86 5.46 29.88
N SER C 275 12.84 6.62 30.54
CA SER C 275 11.64 7.43 30.58
C SER C 275 12.00 8.89 30.46
N HIS C 276 11.03 9.67 29.98
CA HIS C 276 11.14 11.13 29.97
C HIS C 276 9.74 11.69 30.15
N ASP C 277 9.67 12.91 30.65
CA ASP C 277 8.37 13.52 30.93
C ASP C 277 7.53 13.72 29.68
N ASN C 278 8.17 13.85 28.52
CA ASN C 278 7.45 14.20 27.30
C ASN C 278 6.82 13.02 26.58
N ILE C 279 7.12 11.79 26.99
CA ILE C 279 6.54 10.60 26.35
C ILE C 279 5.52 9.99 27.28
N ILE C 280 4.30 9.79 26.77
CA ILE C 280 3.21 9.18 27.53
C ILE C 280 2.57 8.02 26.79
N CYS C 281 3.09 7.65 25.63
CA CYS C 281 2.50 6.59 24.81
C CYS C 281 3.18 5.26 25.13
N GLY C 282 2.37 4.21 25.25
CA GLY C 282 2.92 2.92 25.64
C GLY C 282 3.82 2.34 24.57
N ILE C 283 4.68 1.41 24.98
CA ILE C 283 5.63 0.77 24.09
C ILE C 283 4.92 -0.37 23.35
N THR C 284 5.27 -0.56 22.09
CA THR C 284 4.67 -1.62 21.28
C THR C 284 5.63 -2.77 20.99
N SER C 285 6.92 -2.50 20.85
CA SER C 285 7.91 -3.56 20.69
C SER C 285 9.28 -2.97 20.99
N VAL C 286 10.24 -3.86 21.28
CA VAL C 286 11.59 -3.45 21.62
C VAL C 286 12.57 -4.49 21.08
N SER C 287 13.80 -4.04 20.83
CA SER C 287 14.90 -4.93 20.45
C SER C 287 16.21 -4.16 20.52
N PHE C 288 17.28 -4.88 20.83
CA PHE C 288 18.59 -4.29 21.01
C PHE C 288 19.38 -4.25 19.71
N SER C 289 20.44 -3.43 19.70
CA SER C 289 21.41 -3.48 18.63
C SER C 289 22.33 -4.68 18.79
N LYS C 290 23.27 -4.84 17.85
CA LYS C 290 24.20 -5.97 17.92
C LYS C 290 25.04 -5.93 19.18
N SER C 291 25.65 -4.79 19.48
CA SER C 291 26.55 -4.72 20.63
C SER C 291 25.82 -4.51 21.95
N GLY C 292 24.53 -4.22 21.93
CA GLY C 292 23.79 -3.94 23.13
C GLY C 292 23.93 -2.52 23.65
N ARG C 293 24.83 -1.73 23.08
CA ARG C 293 24.94 -0.33 23.47
C ARG C 293 23.66 0.44 23.15
N LEU C 294 22.95 0.04 22.10
CA LEU C 294 21.83 0.79 21.57
C LEU C 294 20.55 -0.01 21.75
N LEU C 295 19.52 0.64 22.29
CA LEU C 295 18.21 0.03 22.48
C LEU C 295 17.19 0.80 21.66
N LEU C 296 16.42 0.08 20.84
CA LEU C 296 15.41 0.66 19.99
C LEU C 296 14.03 0.25 20.50
N ALA C 297 13.15 1.23 20.68
CA ALA C 297 11.81 0.99 21.19
C ALA C 297 10.79 1.71 20.32
N GLY C 298 9.70 1.02 20.01
CA GLY C 298 8.66 1.60 19.17
C GLY C 298 7.45 2.07 19.95
N TYR C 299 7.29 3.38 20.08
CA TYR C 299 6.24 3.94 20.90
C TYR C 299 4.94 4.04 20.13
N ASP C 300 3.84 4.20 20.86
CA ASP C 300 2.56 4.48 20.23
C ASP C 300 2.47 5.91 19.71
N ASP C 301 3.53 6.69 19.85
CA ASP C 301 3.55 8.08 19.41
C ASP C 301 3.88 8.16 17.93
N PHE C 302 3.64 7.07 17.21
CA PHE C 302 3.85 6.98 15.76
C PHE C 302 5.32 7.12 15.39
N ASN C 303 6.22 6.82 16.31
CA ASN C 303 7.65 6.92 16.03
C ASN C 303 8.41 5.97 16.95
N CYS C 304 9.65 5.69 16.56
CA CYS C 304 10.55 4.82 17.33
C CYS C 304 11.67 5.67 17.90
N ASN C 305 11.81 5.64 19.22
CA ASN C 305 12.92 6.33 19.86
C ASN C 305 14.09 5.36 20.04
N VAL C 306 15.30 5.89 19.88
CA VAL C 306 16.52 5.12 20.04
C VAL C 306 17.16 5.52 21.36
N TRP C 307 17.36 4.55 22.24
CA TRP C 307 17.81 4.80 23.60
C TRP C 307 19.20 4.19 23.80
N ASP C 308 20.12 4.99 24.32
CA ASP C 308 21.43 4.48 24.70
C ASP C 308 21.26 3.62 25.94
N ALA C 309 21.48 2.30 25.80
CA ALA C 309 21.17 1.37 26.86
C ALA C 309 22.04 1.58 28.10
N LEU C 310 23.13 2.33 27.99
CA LEU C 310 24.02 2.58 29.11
C LEU C 310 23.82 3.95 29.75
N LYS C 311 23.70 5.00 28.94
CA LYS C 311 23.48 6.34 29.48
C LYS C 311 22.01 6.63 29.78
N ALA C 312 21.10 5.81 29.25
CA ALA C 312 19.66 5.91 29.50
C ALA C 312 19.05 7.16 28.88
N ASP C 313 19.87 8.01 28.28
CA ASP C 313 19.35 9.19 27.63
C ASP C 313 18.95 8.87 26.18
N ARG C 314 18.06 9.68 25.64
CA ARG C 314 17.51 9.42 24.31
C ARG C 314 18.57 9.75 23.27
N ALA C 315 19.00 8.72 22.53
CA ALA C 315 19.98 8.92 21.47
C ALA C 315 19.39 9.60 20.24
N GLY C 316 18.07 9.61 20.11
CA GLY C 316 17.44 10.24 18.97
C GLY C 316 16.04 9.70 18.78
N VAL C 317 15.47 10.06 17.63
CA VAL C 317 14.11 9.67 17.27
C VAL C 317 14.11 9.22 15.81
N LEU C 318 13.41 8.12 15.55
CA LEU C 318 13.18 7.63 14.19
C LEU C 318 11.70 7.77 13.89
N ALA C 319 11.38 8.47 12.81
CA ALA C 319 10.00 8.75 12.45
C ALA C 319 9.79 8.44 10.98
N GLY C 320 8.53 8.43 10.56
CA GLY C 320 8.20 8.09 9.19
C GLY C 320 6.99 7.20 9.08
N HIS C 321 6.33 6.93 10.21
CA HIS C 321 5.11 6.15 10.23
C HIS C 321 3.93 7.05 10.54
N ASP C 322 2.80 6.75 9.91
CA ASP C 322 1.57 7.50 10.12
C ASP C 322 0.66 6.87 11.19
N ASN C 323 1.13 5.84 11.88
CA ASN C 323 0.33 5.18 12.90
C ASN C 323 1.29 4.47 13.86
N ARG C 324 0.75 3.55 14.65
CA ARG C 324 1.54 2.84 15.65
C ARG C 324 2.74 2.16 15.01
N VAL C 325 3.88 2.20 15.69
CA VAL C 325 5.02 1.37 15.32
C VAL C 325 4.88 0.05 16.06
N SER C 326 4.11 -0.88 15.51
CA SER C 326 3.70 -2.07 16.24
C SER C 326 4.79 -3.11 16.38
N CYS C 327 5.74 -3.16 15.44
CA CYS C 327 6.80 -4.15 15.53
C CYS C 327 8.14 -3.50 15.19
N LEU C 328 9.20 -4.06 15.74
CA LEU C 328 10.53 -3.53 15.54
C LEU C 328 11.52 -4.66 15.72
N GLY C 329 12.61 -4.63 14.96
CA GLY C 329 13.59 -5.69 15.07
C GLY C 329 14.89 -5.41 14.34
N VAL C 330 16.00 -5.62 15.02
CA VAL C 330 17.32 -5.45 14.41
C VAL C 330 17.77 -6.77 13.80
N THR C 331 18.50 -6.68 12.69
CA THR C 331 18.97 -7.87 12.00
C THR C 331 19.96 -8.64 12.85
N ASP C 332 20.09 -9.94 12.57
CA ASP C 332 21.04 -10.77 13.29
C ASP C 332 22.47 -10.32 13.09
N ASP C 333 22.77 -9.67 11.96
CA ASP C 333 24.09 -9.13 11.70
C ASP C 333 24.24 -7.68 12.13
N GLY C 334 23.20 -7.07 12.69
CA GLY C 334 23.25 -5.69 13.08
C GLY C 334 23.20 -4.72 11.92
N MET C 335 22.92 -5.19 10.70
CA MET C 335 23.02 -4.34 9.53
C MET C 335 22.03 -3.18 9.59
N ALA C 336 20.79 -3.44 9.98
CA ALA C 336 19.77 -2.41 9.94
C ALA C 336 18.69 -2.74 10.95
N VAL C 337 17.69 -1.87 11.02
CA VAL C 337 16.55 -2.03 11.91
C VAL C 337 15.28 -1.74 11.11
N ALA C 338 14.36 -2.71 11.09
CA ALA C 338 13.12 -2.53 10.37
C ALA C 338 11.95 -2.38 11.33
N THR C 339 11.02 -1.51 10.98
CA THR C 339 9.89 -1.18 11.85
C THR C 339 8.61 -1.30 11.04
N GLY C 340 7.81 -2.32 11.33
CA GLY C 340 6.48 -2.40 10.77
C GLY C 340 5.52 -1.53 11.56
N SER C 341 4.46 -1.08 10.90
CA SER C 341 3.57 -0.11 11.48
C SER C 341 2.13 -0.46 11.16
N TRP C 342 1.21 0.16 11.90
CA TRP C 342 -0.19 0.07 11.52
C TRP C 342 -0.49 0.85 10.25
N ASP C 343 0.46 1.65 9.77
CA ASP C 343 0.31 2.30 8.47
C ASP C 343 0.52 1.34 7.31
N SER C 344 0.92 0.09 7.59
CA SER C 344 1.14 -0.98 6.61
C SER C 344 2.45 -0.79 5.87
N PHE C 345 3.18 0.28 6.14
CA PHE C 345 4.45 0.54 5.47
C PHE C 345 5.60 0.05 6.33
N LEU C 346 6.21 -1.06 5.93
CA LEU C 346 7.41 -1.58 6.60
C LEU C 346 8.62 -0.75 6.21
N LYS C 347 9.12 0.04 7.14
CA LYS C 347 10.32 0.82 6.89
C LYS C 347 11.56 -0.02 7.18
N ILE C 348 12.63 0.26 6.46
CA ILE C 348 13.93 -0.36 6.71
C ILE C 348 14.90 0.75 7.07
N TRP C 349 15.25 0.85 8.35
CA TRP C 349 16.06 1.94 8.85
C TRP C 349 17.48 1.48 9.08
N ASN C 350 18.44 2.32 8.72
CA ASN C 350 19.85 2.04 8.92
C ASN C 350 20.60 3.31 9.29
N LEU D 36 -5.37 39.87 -49.18
CA LEU D 36 -5.12 40.76 -50.31
C LEU D 36 -5.93 42.05 -50.18
N LEU D 37 -5.54 42.90 -49.25
CA LEU D 37 -6.23 44.16 -49.02
C LEU D 37 -5.24 45.32 -48.88
N ARG D 38 -3.94 44.99 -48.84
CA ARG D 38 -2.93 46.03 -48.64
C ARG D 38 -2.93 47.02 -49.81
N GLN D 39 -3.06 46.51 -51.03
CA GLN D 39 -3.09 47.38 -52.19
C GLN D 39 -4.31 48.31 -52.17
N LYS D 40 -5.42 47.84 -51.61
CA LYS D 40 -6.62 48.67 -51.56
C LYS D 40 -6.40 49.88 -50.67
N ILE D 41 -5.92 49.67 -49.45
CA ILE D 41 -5.70 50.79 -48.54
C ILE D 41 -4.57 51.67 -49.04
N GLU D 42 -3.54 51.08 -49.65
CA GLU D 42 -2.46 51.88 -50.21
C GLU D 42 -2.95 52.79 -51.32
N GLU D 43 -3.74 52.25 -52.26
CA GLU D 43 -4.24 53.05 -53.36
C GLU D 43 -5.25 54.09 -52.88
N GLN D 44 -5.99 53.78 -51.82
CA GLN D 44 -6.90 54.77 -51.27
C GLN D 44 -6.13 55.92 -50.61
N ALA D 45 -5.05 55.59 -49.90
CA ALA D 45 -4.28 56.62 -49.22
C ALA D 45 -3.45 57.43 -50.21
N ALA D 46 -3.12 56.86 -51.36
CA ALA D 46 -2.18 57.48 -52.29
C ALA D 46 -2.61 58.86 -52.77
N LYS D 47 -3.90 59.18 -52.68
CA LYS D 47 -4.35 60.49 -53.16
C LYS D 47 -3.98 61.65 -52.23
N TYR D 48 -3.09 61.48 -51.25
CA TYR D 48 -2.76 62.56 -50.33
C TYR D 48 -2.08 63.71 -51.06
N LYS D 49 -2.16 64.89 -50.45
CA LYS D 49 -1.43 66.06 -50.92
C LYS D 49 -0.48 66.61 -49.86
N HIS D 50 -0.51 66.07 -48.64
CA HIS D 50 0.33 66.54 -47.55
C HIS D 50 0.52 65.40 -46.56
N SER D 51 1.52 65.54 -45.70
CA SER D 51 1.82 64.50 -44.73
C SER D 51 0.67 64.32 -43.74
N VAL D 52 0.03 65.41 -43.33
CA VAL D 52 -1.06 65.31 -42.35
C VAL D 52 -2.22 64.48 -42.87
N PRO D 53 -2.75 64.70 -44.08
CA PRO D 53 -3.79 63.78 -44.59
C PRO D 53 -3.34 62.34 -44.68
N LYS D 54 -2.07 62.11 -45.03
CA LYS D 54 -1.57 60.75 -45.15
C LYS D 54 -1.60 60.04 -43.81
N LYS D 55 -1.03 60.69 -42.78
CA LYS D 55 -1.03 60.07 -41.45
C LYS D 55 -2.44 59.97 -40.89
N CYS D 56 -3.30 60.93 -41.24
CA CYS D 56 -4.69 60.87 -40.80
C CYS D 56 -5.40 59.65 -41.38
N CYS D 57 -5.17 59.35 -42.66
CA CYS D 57 -5.75 58.15 -43.25
C CYS D 57 -5.12 56.90 -42.64
N TYR D 58 -3.81 56.95 -42.37
CA TYR D 58 -3.13 55.79 -41.77
C TYR D 58 -3.75 55.43 -40.43
N ASP D 59 -3.99 56.43 -39.59
CA ASP D 59 -4.59 56.17 -38.29
C ASP D 59 -6.11 56.03 -38.39
N GLY D 60 -6.70 56.41 -39.51
CA GLY D 60 -8.13 56.25 -39.68
C GLY D 60 -8.56 54.80 -39.78
N ALA D 61 -7.78 53.99 -40.50
CA ALA D 61 -8.12 52.60 -40.73
C ALA D 61 -7.71 51.69 -39.58
N ARG D 62 -7.41 52.23 -38.40
CA ARG D 62 -6.95 51.42 -37.28
C ARG D 62 -7.96 50.33 -36.95
N ASN D 64 -9.18 49.26 -34.32
CA ASN D 64 -9.96 49.44 -33.09
C ASN D 64 -11.39 48.94 -33.25
N PHE D 65 -11.74 47.89 -32.50
CA PHE D 65 -13.07 47.31 -32.58
C PHE D 65 -14.06 47.93 -31.59
N TYR D 66 -13.56 48.51 -30.50
CA TYR D 66 -14.43 48.99 -29.43
C TYR D 66 -15.17 50.27 -29.80
N GLU D 67 -14.71 51.00 -30.81
CA GLU D 67 -15.32 52.25 -31.22
C GLU D 67 -15.61 52.23 -32.72
N THR D 68 -16.78 52.75 -33.09
CA THR D 68 -17.15 52.85 -34.49
C THR D 68 -16.49 54.08 -35.11
N CYS D 69 -16.67 54.20 -36.44
CA CYS D 69 -16.09 55.33 -37.16
C CYS D 69 -16.65 56.66 -36.65
N GLU D 70 -17.96 56.71 -36.42
CA GLU D 70 -18.57 57.96 -35.96
C GLU D 70 -18.03 58.38 -34.61
N GLU D 71 -17.81 57.42 -33.70
CA GLU D 71 -17.23 57.75 -32.40
C GLU D 71 -15.78 58.19 -32.55
N ARG D 72 -15.03 57.56 -33.46
CA ARG D 72 -13.61 57.86 -33.58
C ARG D 72 -13.36 59.19 -34.26
N VAL D 73 -14.18 59.54 -35.27
CA VAL D 73 -13.96 60.80 -35.98
C VAL D 73 -14.24 62.01 -35.10
N ALA D 74 -14.98 61.83 -34.01
CA ALA D 74 -15.26 62.96 -33.12
C ALA D 74 -14.01 63.45 -32.41
N ARG D 75 -12.98 62.62 -32.29
CA ARG D 75 -11.77 63.00 -31.56
C ARG D 75 -10.80 63.80 -32.41
N VAL D 76 -11.00 63.87 -33.72
CA VAL D 76 -10.09 64.56 -34.62
C VAL D 76 -10.80 65.79 -35.19
N GLY D 79 -7.13 68.85 -38.62
CA GLY D 79 -7.09 69.03 -40.05
C GLY D 79 -8.47 69.04 -40.68
N PRO D 80 -8.76 70.08 -41.46
CA PRO D 80 -10.06 70.11 -42.16
C PRO D 80 -10.28 68.93 -43.08
N LEU D 81 -9.22 68.45 -43.74
CA LEU D 81 -9.34 67.30 -44.60
C LEU D 81 -9.43 65.99 -43.82
N CYS D 82 -9.07 66.00 -42.53
CA CYS D 82 -9.20 64.81 -41.72
C CYS D 82 -10.65 64.36 -41.59
N ILE D 83 -11.59 65.32 -41.55
CA ILE D 83 -13.00 64.97 -41.42
C ILE D 83 -13.44 64.05 -42.54
N ARG D 84 -13.00 64.32 -43.77
CA ARG D 84 -13.35 63.46 -44.90
C ARG D 84 -12.43 62.25 -44.98
N ALA D 85 -11.12 62.47 -44.85
CA ALA D 85 -10.15 61.41 -45.10
C ALA D 85 -10.26 60.29 -44.07
N PHE D 86 -10.32 60.65 -42.79
CA PHE D 86 -10.49 59.67 -41.73
C PHE D 86 -11.74 58.83 -41.97
N ASN D 87 -12.85 59.50 -42.26
CA ASN D 87 -14.11 58.79 -42.46
C ASN D 87 -14.03 57.81 -43.63
N GLU D 88 -13.51 58.28 -44.77
CA GLU D 88 -13.50 57.41 -45.95
C GLU D 88 -12.53 56.25 -45.78
N CYS D 89 -11.33 56.51 -45.25
CA CYS D 89 -10.39 55.42 -45.04
C CYS D 89 -10.92 54.41 -44.04
N CYS D 90 -11.49 54.89 -42.92
CA CYS D 90 -12.00 53.97 -41.91
C CYS D 90 -13.16 53.15 -42.44
N THR D 91 -14.08 53.79 -43.19
CA THR D 91 -15.23 53.04 -43.70
C THR D 91 -14.82 52.05 -44.77
N ILE D 92 -13.83 52.40 -45.61
CA ILE D 92 -13.36 51.48 -46.64
C ILE D 92 -12.71 50.27 -46.00
N ALA D 93 -11.81 50.51 -45.04
CA ALA D 93 -11.16 49.39 -44.36
C ALA D 93 -12.17 48.53 -43.62
N ASN D 94 -13.15 49.16 -42.97
CA ASN D 94 -14.14 48.42 -42.19
C ASN D 94 -14.98 47.53 -43.10
N LYS D 95 -15.52 48.12 -44.17
CA LYS D 95 -16.28 47.32 -45.13
C LYS D 95 -15.40 46.27 -45.80
N ILE D 96 -14.09 46.46 -45.82
CA ILE D 96 -13.19 45.42 -46.30
C ILE D 96 -13.15 44.25 -45.31
N ARG D 97 -13.02 44.54 -44.01
CA ARG D 97 -12.82 43.45 -43.06
C ARG D 97 -14.10 42.65 -42.81
N LYS D 98 -15.28 43.25 -42.94
CA LYS D 98 -16.48 42.44 -42.86
C LYS D 98 -16.61 41.58 -44.12
N GLU D 99 -17.52 40.59 -44.03
CA GLU D 99 -17.77 39.64 -45.11
C GLU D 99 -16.49 38.89 -45.48
N SER D 100 -15.64 38.69 -44.47
CA SER D 100 -14.35 38.05 -44.63
C SER D 100 -14.19 37.03 -43.52
N PRO D 101 -13.37 36.00 -43.74
CA PRO D 101 -13.19 34.98 -42.69
C PRO D 101 -12.35 35.49 -41.53
N HIS D 102 -12.98 36.23 -40.63
CA HIS D 102 -12.25 36.82 -39.51
C HIS D 102 -13.23 37.21 -38.41
N LYS D 103 -12.88 36.87 -37.17
CA LYS D 103 -13.56 37.33 -35.98
C LYS D 103 -12.50 37.58 -34.93
N PRO D 104 -12.54 38.74 -34.26
CA PRO D 104 -11.51 39.02 -33.24
C PRO D 104 -11.77 38.27 -31.94
N VAL D 105 -11.88 36.94 -32.03
CA VAL D 105 -12.15 36.12 -30.87
C VAL D 105 -10.92 36.11 -29.96
N GLN D 106 -11.14 36.43 -28.69
CA GLN D 106 -10.06 36.38 -27.72
C GLN D 106 -9.63 34.92 -27.54
N LEU D 107 -8.32 34.69 -27.49
CA LEU D 107 -7.83 33.31 -27.55
C LEU D 107 -8.20 32.47 -26.33
N GLY D 108 -8.91 33.02 -25.34
CA GLY D 108 -9.45 32.23 -24.26
C GLY D 108 -10.80 31.62 -24.56
N ARG D 109 -11.30 31.79 -25.77
CA ARG D 109 -12.62 31.28 -26.14
C ARG D 109 -12.52 30.25 -27.27
N ALA E 7 -8.39 -27.95 48.43
CA ALA E 7 -8.65 -26.51 48.44
C ALA E 7 -7.59 -25.76 47.65
N SER E 8 -7.69 -24.43 47.64
CA SER E 8 -6.68 -23.61 46.98
C SER E 8 -5.36 -23.61 47.75
N ILE E 9 -5.33 -24.20 48.95
CA ILE E 9 -4.12 -24.24 49.74
C ILE E 9 -3.01 -25.00 49.02
N ALA E 10 -3.37 -26.03 48.24
CA ALA E 10 -2.35 -26.79 47.53
C ALA E 10 -1.61 -25.93 46.52
N GLN E 11 -2.34 -25.25 45.64
CA GLN E 11 -1.70 -24.40 44.65
C GLN E 11 -1.03 -23.20 45.32
N ALA E 12 -1.59 -22.70 46.41
CA ALA E 12 -0.95 -21.61 47.14
C ALA E 12 0.41 -22.06 47.68
N ARG E 13 0.47 -23.26 48.26
CA ARG E 13 1.75 -23.80 48.72
C ARG E 13 2.70 -24.05 47.56
N LYS E 14 2.16 -24.36 46.37
CA LYS E 14 3.00 -24.43 45.19
C LYS E 14 3.65 -23.08 44.89
N LEU E 15 2.87 -21.99 45.00
CA LEU E 15 3.44 -20.66 44.82
C LEU E 15 4.49 -20.37 45.89
N VAL E 16 4.24 -20.79 47.13
CA VAL E 16 5.24 -20.60 48.18
C VAL E 16 6.52 -21.35 47.83
N GLU E 17 6.40 -22.58 47.34
CA GLU E 17 7.59 -23.34 46.97
C GLU E 17 8.35 -22.67 45.84
N GLN E 18 7.63 -22.11 44.87
CA GLN E 18 8.29 -21.34 43.82
C GLN E 18 9.03 -20.15 44.43
N LEU E 19 8.41 -19.48 45.41
CA LEU E 19 9.09 -18.37 46.07
C LEU E 19 10.36 -18.82 46.77
N LYS E 20 10.32 -19.98 47.43
CA LYS E 20 11.53 -20.50 48.07
C LYS E 20 12.62 -20.78 47.04
N MET E 21 12.24 -21.40 45.92
CA MET E 21 13.23 -21.72 44.90
C MET E 21 13.86 -20.45 44.34
N GLU E 22 13.05 -19.41 44.14
CA GLU E 22 13.58 -18.12 43.74
C GLU E 22 14.52 -17.57 44.81
N ALA E 23 14.17 -17.78 46.08
CA ALA E 23 15.00 -17.29 47.17
C ALA E 23 16.37 -17.97 47.18
N ASN E 24 16.42 -19.26 46.86
CA ASN E 24 17.71 -19.96 46.86
C ASN E 24 18.62 -19.51 45.72
N ILE E 25 18.11 -18.72 44.78
CA ILE E 25 18.92 -18.29 43.65
C ILE E 25 20.05 -17.39 44.14
N ASP E 26 21.22 -17.53 43.51
CA ASP E 26 22.37 -16.72 43.86
C ASP E 26 22.24 -15.33 43.24
N ARG E 27 22.79 -14.33 43.93
CA ARG E 27 22.76 -12.94 43.49
C ARG E 27 24.18 -12.43 43.33
N ILE E 28 24.43 -11.72 42.22
CA ILE E 28 25.73 -11.10 42.01
C ILE E 28 25.65 -9.63 42.44
N LYS E 29 26.79 -9.12 42.91
CA LYS E 29 26.90 -7.69 43.15
C LYS E 29 26.59 -6.93 41.86
N VAL E 30 25.65 -5.99 41.95
CA VAL E 30 25.16 -5.31 40.75
C VAL E 30 26.29 -4.57 40.04
N SER E 31 27.29 -4.12 40.78
CA SER E 31 28.42 -3.44 40.16
C SER E 31 29.12 -4.33 39.15
N LYS E 32 29.33 -5.60 39.49
CA LYS E 32 30.00 -6.51 38.57
C LYS E 32 29.13 -6.84 37.35
N ALA E 33 27.83 -7.01 37.54
CA ALA E 33 26.94 -7.27 36.41
C ALA E 33 26.92 -6.08 35.45
N ALA E 34 26.84 -4.87 36.00
CA ALA E 34 26.92 -3.69 35.16
C ALA E 34 28.26 -3.61 34.45
N ALA E 35 29.34 -3.92 35.17
CA ALA E 35 30.68 -3.92 34.57
C ALA E 35 30.74 -4.87 33.39
N ASP E 36 30.18 -6.07 33.54
CA ASP E 36 30.06 -6.99 32.40
C ASP E 36 29.29 -6.34 31.26
N LEU E 37 28.21 -5.62 31.60
CA LEU E 37 27.40 -4.99 30.55
C LEU E 37 28.20 -3.98 29.74
N MET E 38 28.87 -3.09 30.44
CA MET E 38 29.63 -2.05 29.73
C MET E 38 30.75 -2.74 28.95
N ALA E 39 31.37 -3.74 29.56
CA ALA E 39 32.49 -4.43 28.93
C ALA E 39 32.08 -5.05 27.61
N TYR E 40 30.93 -5.75 27.59
CA TYR E 40 30.40 -6.29 26.34
C TYR E 40 30.15 -5.18 25.34
N CYS E 41 29.55 -4.08 25.80
CA CYS E 41 29.21 -2.98 24.90
C CYS E 41 30.46 -2.38 24.26
N GLU E 42 31.49 -2.08 25.05
CA GLU E 42 32.68 -1.46 24.48
C GLU E 42 33.47 -2.46 23.64
N ALA E 43 33.45 -3.74 23.99
CA ALA E 43 34.13 -4.74 23.18
C ALA E 43 33.49 -4.84 21.80
N HIS E 44 32.17 -4.82 21.73
CA HIS E 44 31.47 -5.04 20.47
C HIS E 44 31.03 -3.75 19.79
N ALA E 45 31.40 -2.58 20.34
CA ALA E 45 31.06 -1.32 19.69
C ALA E 45 31.63 -1.20 18.28
N LYS E 46 32.70 -1.94 17.97
CA LYS E 46 33.30 -1.88 16.65
C LYS E 46 32.66 -2.86 15.66
N GLU E 47 31.57 -3.52 16.05
CA GLU E 47 30.98 -4.55 15.20
C GLU E 47 29.53 -4.26 14.84
N ASP E 48 29.08 -3.01 14.95
CA ASP E 48 27.74 -2.65 14.52
C ASP E 48 27.80 -1.39 13.65
N PRO E 49 26.94 -1.29 12.64
CA PRO E 49 26.87 -0.07 11.83
C PRO E 49 25.87 0.97 12.32
N LEU E 50 25.19 0.74 13.44
CA LEU E 50 24.28 1.74 13.99
C LEU E 50 25.00 2.68 14.95
N LEU E 51 25.60 2.12 16.01
CA LEU E 51 26.31 2.95 16.97
C LEU E 51 27.48 3.68 16.33
N THR E 52 28.21 3.00 15.45
CA THR E 52 29.30 3.61 14.69
C THR E 52 28.85 3.86 13.27
N PRO E 53 28.99 5.09 12.75
CA PRO E 53 28.53 5.37 11.39
C PRO E 53 29.24 4.48 10.37
N VAL E 54 28.42 3.78 9.58
CA VAL E 54 28.93 2.83 8.59
C VAL E 54 29.44 3.58 7.37
N PRO E 55 30.54 3.16 6.76
CA PRO E 55 30.94 3.73 5.47
C PRO E 55 29.88 3.46 4.42
N ALA E 56 29.71 4.43 3.51
CA ALA E 56 28.67 4.30 2.49
C ALA E 56 28.93 3.13 1.54
N SER E 57 30.20 2.82 1.25
CA SER E 57 30.53 1.72 0.35
C SER E 57 30.21 0.36 0.96
N GLU E 58 30.53 0.18 2.24
CA GLU E 58 30.26 -1.10 2.91
C GLU E 58 28.78 -1.28 3.24
N ASN E 59 28.02 -0.18 3.32
CA ASN E 59 26.60 -0.27 3.63
C ASN E 59 25.87 -0.96 2.49
N PRO E 60 24.97 -1.94 2.79
CA PRO E 60 24.26 -2.74 1.80
C PRO E 60 22.88 -2.22 1.49
N PHE E 61 22.57 -1.05 1.99
CA PHE E 61 21.29 -0.48 1.60
C PHE E 61 21.45 0.75 0.72
N ARG E 62 22.58 1.43 0.82
CA ARG E 62 22.82 2.61 0.00
C ARG E 62 23.15 2.19 -1.43
N ASP F 1 5.81 -36.19 -4.89
CA ASP F 1 5.79 -36.98 -6.11
C ASP F 1 5.76 -36.03 -7.30
N VAL F 2 6.94 -35.58 -7.73
CA VAL F 2 7.02 -34.65 -8.85
C VAL F 2 7.16 -35.44 -10.14
N GLN F 3 6.38 -35.05 -11.16
CA GLN F 3 6.43 -35.71 -12.45
C GLN F 3 6.47 -34.67 -13.56
N LEU F 4 7.31 -34.91 -14.55
CA LEU F 4 7.33 -34.15 -15.80
C LEU F 4 7.31 -35.15 -16.94
N VAL F 5 6.12 -35.54 -17.37
CA VAL F 5 5.94 -36.52 -18.44
C VAL F 5 5.75 -35.76 -19.74
N GLU F 6 6.60 -36.05 -20.72
CA GLU F 6 6.57 -35.40 -22.02
C GLU F 6 6.06 -36.38 -23.06
N SER F 7 5.48 -35.84 -24.14
CA SER F 7 4.93 -36.68 -25.18
C SER F 7 4.92 -35.90 -26.49
N GLY F 8 4.76 -36.64 -27.60
CA GLY F 8 4.70 -36.05 -28.92
C GLY F 8 5.86 -36.40 -29.83
N GLY F 9 6.75 -37.30 -29.42
CA GLY F 9 7.89 -37.64 -30.23
C GLY F 9 7.54 -38.58 -31.37
N GLY F 10 8.54 -38.82 -32.22
CA GLY F 10 8.36 -39.69 -33.37
C GLY F 10 9.21 -39.28 -34.55
N LEU F 11 8.73 -39.54 -35.76
CA LEU F 11 9.43 -39.19 -36.99
C LEU F 11 8.73 -38.01 -37.66
N VAL F 12 9.52 -37.01 -38.05
CA VAL F 12 9.01 -35.82 -38.73
C VAL F 12 9.77 -35.63 -40.03
N GLN F 13 9.02 -35.47 -41.12
CA GLN F 13 9.65 -35.19 -42.40
C GLN F 13 10.31 -33.81 -42.36
N PRO F 14 11.46 -33.63 -43.00
CA PRO F 14 12.14 -32.33 -42.96
C PRO F 14 11.25 -31.22 -43.49
N GLY F 15 11.34 -30.06 -42.84
CA GLY F 15 10.48 -28.95 -43.16
C GLY F 15 9.12 -28.99 -42.52
N GLY F 16 8.81 -30.05 -41.76
CA GLY F 16 7.54 -30.15 -41.08
C GLY F 16 7.54 -29.45 -39.74
N SER F 17 6.45 -29.63 -39.01
CA SER F 17 6.28 -29.02 -37.71
C SER F 17 5.69 -30.05 -36.74
N ARG F 18 5.97 -29.86 -35.46
CA ARG F 18 5.49 -30.76 -34.42
C ARG F 18 5.42 -30.01 -33.11
N LYS F 19 4.38 -30.30 -32.33
CA LYS F 19 4.16 -29.64 -31.04
C LYS F 19 4.65 -30.56 -29.93
N LEU F 20 5.86 -30.30 -29.45
CA LEU F 20 6.35 -31.02 -28.28
C LEU F 20 5.58 -30.57 -27.05
N SER F 21 5.20 -31.52 -26.21
CA SER F 21 4.35 -31.26 -25.06
C SER F 21 5.01 -31.74 -23.78
N CYS F 22 4.78 -31.01 -22.70
CA CYS F 22 5.25 -31.37 -21.38
C CYS F 22 4.05 -31.35 -20.43
N SER F 23 3.79 -32.48 -19.78
CA SER F 23 2.68 -32.62 -18.86
C SER F 23 3.24 -32.71 -17.44
N ALA F 24 2.76 -31.82 -16.57
CA ALA F 24 3.29 -31.67 -15.23
C ALA F 24 2.24 -32.10 -14.20
N SER F 25 2.70 -32.66 -13.09
CA SER F 25 1.80 -33.07 -12.02
C SER F 25 2.59 -33.13 -10.72
N GLY F 26 1.85 -33.04 -9.61
CA GLY F 26 2.46 -33.12 -8.30
C GLY F 26 3.05 -31.82 -7.78
N PHE F 27 2.90 -30.72 -8.48
CA PHE F 27 3.44 -29.45 -8.02
C PHE F 27 2.69 -28.29 -8.67
N ALA F 28 2.82 -27.11 -8.08
CA ALA F 28 2.15 -25.90 -8.55
C ALA F 28 2.86 -25.42 -9.81
N PHE F 29 2.26 -25.76 -10.96
CA PHE F 29 2.88 -25.43 -12.24
C PHE F 29 2.99 -23.93 -12.45
N SER F 30 1.94 -23.19 -12.09
CA SER F 30 1.90 -21.77 -12.40
C SER F 30 3.01 -20.99 -11.71
N SER F 31 3.52 -21.50 -10.60
CA SER F 31 4.56 -20.79 -9.87
C SER F 31 5.96 -21.04 -10.42
N PHE F 32 6.09 -21.90 -11.41
CA PHE F 32 7.39 -22.28 -11.96
C PHE F 32 7.54 -21.80 -13.39
N GLY F 33 8.77 -21.49 -13.77
CA GLY F 33 9.07 -21.27 -15.17
C GLY F 33 9.09 -22.58 -15.92
N MET F 34 9.62 -22.58 -17.13
CA MET F 34 9.83 -23.82 -17.85
C MET F 34 10.89 -23.59 -18.93
N HIS F 35 11.70 -24.61 -19.16
CA HIS F 35 12.64 -24.62 -20.27
C HIS F 35 12.46 -25.94 -21.00
N TRP F 36 12.84 -25.96 -22.28
CA TRP F 36 12.67 -27.18 -23.06
C TRP F 36 14.02 -27.67 -23.57
N VAL F 37 15.02 -27.73 -22.70
CA VAL F 37 16.37 -28.16 -23.01
C VAL F 37 16.36 -29.44 -23.83
N ARG F 38 17.23 -29.53 -24.83
CA ARG F 38 17.30 -30.67 -25.73
C ARG F 38 18.73 -31.20 -25.79
N GLN F 39 18.86 -32.45 -26.21
CA GLN F 39 20.16 -33.10 -26.31
C GLN F 39 20.21 -33.91 -27.59
N ALA F 40 21.18 -33.61 -28.45
CA ALA F 40 21.40 -34.40 -29.64
C ALA F 40 21.87 -35.80 -29.26
N PRO F 41 21.60 -36.81 -30.08
CA PRO F 41 21.98 -38.19 -29.71
C PRO F 41 23.47 -38.40 -29.56
N GLU F 42 24.31 -37.53 -30.14
CA GLU F 42 25.75 -37.65 -30.05
C GLU F 42 26.38 -36.31 -29.71
N LYS F 43 25.76 -35.57 -28.80
CA LYS F 43 26.27 -34.26 -28.42
C LYS F 43 25.77 -33.92 -27.03
N GLY F 44 26.16 -32.75 -26.55
CA GLY F 44 25.76 -32.29 -25.24
C GLY F 44 24.41 -31.61 -25.25
N LEU F 45 24.05 -31.09 -24.07
CA LEU F 45 22.78 -30.41 -23.91
C LEU F 45 22.80 -29.05 -24.60
N GLU F 46 21.62 -28.58 -25.00
CA GLU F 46 21.47 -27.28 -25.62
C GLU F 46 20.13 -26.67 -25.22
N TRP F 47 20.19 -25.44 -24.70
CA TRP F 47 18.99 -24.74 -24.28
C TRP F 47 18.14 -24.38 -25.49
N VAL F 48 16.82 -24.40 -25.29
CA VAL F 48 15.88 -24.20 -26.39
C VAL F 48 14.93 -23.03 -26.13
N ALA F 49 14.22 -23.08 -24.99
CA ALA F 49 13.18 -22.11 -24.74
C ALA F 49 13.14 -21.79 -23.25
N TYR F 50 12.44 -20.70 -22.91
CA TYR F 50 12.23 -20.33 -21.51
C TYR F 50 10.95 -19.50 -21.45
N ILE F 51 9.93 -20.02 -20.78
CA ILE F 51 8.71 -19.30 -20.50
C ILE F 51 8.70 -18.94 -19.02
N SER F 52 8.50 -17.66 -18.72
CA SER F 52 8.53 -17.23 -17.33
C SER F 52 7.26 -17.67 -16.61
N SER F 53 7.19 -17.33 -15.33
CA SER F 53 5.98 -17.60 -14.55
C SER F 53 4.88 -16.66 -14.97
N GLY F 54 3.72 -17.22 -15.34
CA GLY F 54 2.65 -16.40 -15.84
C GLY F 54 2.88 -15.84 -17.22
N SER F 55 3.81 -16.43 -17.99
CA SER F 55 4.07 -16.08 -19.38
C SER F 55 4.45 -14.61 -19.55
N GLY F 56 5.06 -14.00 -18.54
CA GLY F 56 5.41 -12.59 -18.64
C GLY F 56 6.45 -12.31 -19.70
N THR F 57 7.51 -13.10 -19.74
CA THR F 57 8.54 -12.95 -20.77
C THR F 57 8.91 -14.32 -21.29
N ILE F 58 9.48 -14.34 -22.50
CA ILE F 58 9.86 -15.58 -23.16
C ILE F 58 11.13 -15.32 -23.94
N TYR F 59 12.00 -16.33 -23.98
CA TYR F 59 13.27 -16.25 -24.69
C TYR F 59 13.42 -17.50 -25.53
N TYR F 60 14.23 -17.40 -26.58
CA TYR F 60 14.55 -18.55 -27.41
C TYR F 60 16.04 -18.53 -27.73
N ALA F 61 16.58 -19.72 -27.97
CA ALA F 61 17.92 -19.81 -28.53
C ALA F 61 17.91 -19.31 -29.96
N ASP F 62 19.04 -18.76 -30.40
CA ASP F 62 19.10 -18.15 -31.73
C ASP F 62 18.79 -19.15 -32.83
N THR F 63 19.04 -20.45 -32.58
CA THR F 63 18.80 -21.46 -33.61
C THR F 63 17.33 -21.78 -33.79
N VAL F 64 16.46 -21.35 -32.89
CA VAL F 64 15.04 -21.67 -33.00
C VAL F 64 14.20 -20.41 -32.88
N LYS F 65 14.87 -19.26 -32.74
CA LYS F 65 14.16 -18.00 -32.60
C LYS F 65 13.29 -17.74 -33.82
N GLY F 66 11.98 -17.62 -33.59
CA GLY F 66 11.04 -17.46 -34.67
C GLY F 66 10.66 -18.78 -35.31
N ARG F 67 11.60 -19.71 -35.34
CA ARG F 67 11.34 -21.02 -35.93
C ARG F 67 10.49 -21.91 -35.02
N PHE F 68 10.48 -21.65 -33.72
CA PHE F 68 9.73 -22.46 -32.77
C PHE F 68 9.22 -21.58 -31.65
N THR F 69 8.09 -21.97 -31.06
CA THR F 69 7.44 -21.20 -30.02
C THR F 69 7.13 -22.08 -28.82
N ILE F 70 6.98 -21.43 -27.66
CA ILE F 70 6.67 -22.12 -26.41
C ILE F 70 5.43 -21.49 -25.80
N SER F 71 4.59 -22.33 -25.20
CA SER F 71 3.39 -21.87 -24.53
C SER F 71 3.12 -22.75 -23.32
N ARG F 72 2.49 -22.16 -22.31
CA ARG F 72 2.18 -22.86 -21.06
C ARG F 72 0.68 -22.75 -20.79
N ASP F 73 0.02 -23.89 -20.63
CA ASP F 73 -1.41 -23.93 -20.29
C ASP F 73 -1.57 -24.23 -18.81
N ASP F 74 -1.53 -23.16 -18.01
CA ASP F 74 -1.50 -23.31 -16.57
C ASP F 74 -2.70 -24.07 -16.00
N PRO F 75 -3.95 -23.83 -16.42
CA PRO F 75 -5.05 -24.65 -15.88
C PRO F 75 -4.87 -26.13 -16.10
N LYS F 76 -4.24 -26.55 -17.20
CA LYS F 76 -3.98 -27.96 -17.45
C LYS F 76 -2.58 -28.40 -17.02
N ASN F 77 -1.77 -27.48 -16.50
CA ASN F 77 -0.41 -27.78 -16.05
C ASN F 77 0.42 -28.41 -17.16
N THR F 78 0.31 -27.88 -18.37
CA THR F 78 0.99 -28.42 -19.53
C THR F 78 1.75 -27.34 -20.26
N LEU F 79 2.99 -27.65 -20.66
CA LEU F 79 3.83 -26.75 -21.43
C LEU F 79 4.04 -27.32 -22.82
N PHE F 80 3.96 -26.46 -23.84
CA PHE F 80 4.05 -26.86 -25.23
C PHE F 80 5.20 -26.15 -25.92
N LEU F 81 5.87 -26.86 -26.82
CA LEU F 81 6.86 -26.29 -27.71
C LEU F 81 6.40 -26.53 -29.14
N GLN F 82 6.20 -25.45 -29.90
CA GLN F 82 5.73 -25.54 -31.27
C GLN F 82 6.93 -25.41 -32.21
N MET F 83 7.58 -26.53 -32.49
CA MET F 83 8.70 -26.53 -33.42
C MET F 83 8.16 -26.54 -34.85
N THR F 84 8.63 -25.60 -35.67
CA THR F 84 8.16 -25.41 -37.03
C THR F 84 9.32 -25.49 -37.99
N SER F 85 9.05 -26.02 -39.20
CA SER F 85 10.03 -26.13 -40.27
C SER F 85 11.32 -26.78 -39.77
N LEU F 86 11.18 -28.00 -39.26
CA LEU F 86 12.28 -28.68 -38.62
C LEU F 86 13.39 -29.01 -39.61
N ARG F 87 14.61 -29.08 -39.10
CA ARG F 87 15.79 -29.36 -39.91
C ARG F 87 16.52 -30.56 -39.35
N SER F 88 17.60 -30.96 -40.04
CA SER F 88 18.35 -32.14 -39.64
C SER F 88 18.96 -31.95 -38.25
N GLU F 89 19.38 -30.73 -37.92
CA GLU F 89 19.98 -30.47 -36.62
C GLU F 89 18.98 -30.61 -35.48
N ASP F 90 17.69 -30.63 -35.78
CA ASP F 90 16.66 -30.70 -34.75
C ASP F 90 16.42 -32.12 -34.24
N THR F 91 17.07 -33.13 -34.81
CA THR F 91 16.95 -34.49 -34.30
C THR F 91 17.62 -34.56 -32.93
N ALA F 92 16.82 -34.57 -31.87
CA ALA F 92 17.38 -34.57 -30.52
C ALA F 92 16.30 -35.00 -29.54
N MET F 93 16.74 -35.40 -28.35
CA MET F 93 15.80 -35.77 -27.30
C MET F 93 15.63 -34.58 -26.36
N TYR F 94 14.39 -34.25 -26.04
CA TYR F 94 14.05 -32.98 -25.42
C TYR F 94 13.69 -33.18 -23.96
N TYR F 95 14.08 -32.22 -23.12
CA TYR F 95 13.87 -32.27 -21.68
C TYR F 95 13.04 -31.08 -21.23
N CYS F 96 12.09 -31.33 -20.34
CA CYS F 96 11.26 -30.30 -19.74
C CYS F 96 11.70 -30.11 -18.29
N VAL F 97 12.09 -28.89 -17.94
CA VAL F 97 12.71 -28.63 -16.64
C VAL F 97 11.91 -27.59 -15.88
N ARG F 98 12.07 -27.61 -14.56
CA ARG F 98 11.45 -26.61 -13.70
C ARG F 98 12.42 -25.45 -13.47
N SER F 99 11.88 -24.35 -12.94
CA SER F 99 12.72 -23.26 -12.47
C SER F 99 11.86 -22.30 -11.67
N ILE F 100 12.27 -22.04 -10.43
CA ILE F 100 11.67 -20.98 -9.60
C ILE F 100 12.79 -20.04 -9.21
N TYR F 101 12.62 -18.76 -9.49
CA TYR F 101 13.68 -17.77 -9.27
C TYR F 101 13.24 -16.83 -8.16
N TYR F 102 13.93 -16.91 -7.02
CA TYR F 102 13.80 -15.94 -5.95
C TYR F 102 15.04 -16.13 -5.07
N TYR F 103 15.24 -15.20 -4.14
CA TYR F 103 16.41 -15.29 -3.29
C TYR F 103 16.42 -16.60 -2.52
N GLY F 104 17.46 -17.39 -2.74
CA GLY F 104 17.58 -18.69 -2.13
C GLY F 104 17.02 -19.83 -2.94
N SER F 105 16.39 -19.54 -4.07
CA SER F 105 15.78 -20.60 -4.87
C SER F 105 16.80 -21.25 -5.78
N SER F 106 16.46 -22.44 -6.25
CA SER F 106 17.33 -23.25 -7.10
C SER F 106 16.64 -23.41 -8.44
N PRO F 107 17.19 -22.85 -9.50
CA PRO F 107 16.70 -23.18 -10.84
C PRO F 107 17.04 -24.61 -11.21
N PHE F 108 16.26 -25.17 -12.14
CA PHE F 108 16.54 -26.46 -12.77
C PHE F 108 16.57 -27.61 -11.79
N ASP F 109 15.68 -27.64 -10.80
CA ASP F 109 15.66 -28.76 -9.86
C ASP F 109 15.29 -30.08 -10.50
N PHE F 110 14.23 -30.10 -11.31
CA PHE F 110 13.70 -31.37 -11.79
C PHE F 110 13.68 -31.37 -13.31
N TRP F 111 14.08 -32.50 -13.89
CA TRP F 111 14.10 -32.70 -15.32
C TRP F 111 13.21 -33.89 -15.67
N GLY F 112 12.37 -33.73 -16.68
CA GLY F 112 11.54 -34.82 -17.12
C GLY F 112 12.34 -35.92 -17.77
N GLN F 113 11.68 -37.07 -17.99
CA GLN F 113 12.35 -38.19 -18.62
C GLN F 113 12.61 -37.98 -20.09
N GLY F 114 11.93 -37.03 -20.73
CA GLY F 114 12.25 -36.64 -22.08
C GLY F 114 11.65 -37.54 -23.14
N THR F 115 11.68 -37.03 -24.38
CA THR F 115 11.16 -37.73 -25.55
C THR F 115 12.12 -37.54 -26.72
N THR F 116 12.33 -38.61 -27.48
CA THR F 116 13.21 -38.56 -28.63
C THR F 116 12.47 -37.99 -29.84
N LEU F 117 13.18 -37.15 -30.59
CA LEU F 117 12.62 -36.53 -31.79
C LEU F 117 13.62 -36.69 -32.93
N THR F 118 13.13 -37.20 -34.06
CA THR F 118 13.98 -37.51 -35.20
C THR F 118 13.38 -36.96 -36.48
N VAL F 119 14.25 -36.59 -37.42
CA VAL F 119 13.86 -36.22 -38.77
C VAL F 119 14.72 -37.00 -39.75
N SER F 120 14.17 -37.27 -40.93
CA SER F 120 14.89 -38.06 -41.92
C SER F 120 15.98 -37.21 -42.58
N SER F 121 16.96 -37.89 -43.14
CA SER F 121 18.07 -37.20 -43.79
C SER F 121 17.62 -36.54 -45.08
N GLY F 122 18.36 -35.51 -45.48
CA GLY F 122 18.05 -34.78 -46.70
C GLY F 122 19.07 -33.70 -47.03
N SER F 136 29.37 -11.05 -27.65
CA SER F 136 27.93 -10.88 -27.77
C SER F 136 27.19 -12.08 -27.19
N ASP F 137 27.93 -13.13 -26.87
CA ASP F 137 27.35 -14.34 -26.32
C ASP F 137 28.32 -14.94 -25.31
N ILE F 138 27.78 -15.74 -24.40
CA ILE F 138 28.56 -16.41 -23.36
C ILE F 138 28.65 -17.88 -23.71
N VAL F 139 29.88 -18.40 -23.70
CA VAL F 139 30.13 -19.80 -24.03
C VAL F 139 30.88 -20.44 -22.86
N MET F 140 30.56 -21.71 -22.59
CA MET F 140 31.19 -22.48 -21.54
C MET F 140 31.92 -23.65 -22.17
N THR F 141 33.21 -23.78 -21.87
CA THR F 141 34.04 -24.82 -22.45
C THR F 141 34.58 -25.71 -21.33
N GLN F 142 34.76 -26.99 -21.63
CA GLN F 142 35.28 -27.94 -20.66
C GLN F 142 36.70 -28.35 -21.04
N ALA F 143 37.53 -28.53 -20.01
CA ALA F 143 38.94 -28.86 -20.22
C ALA F 143 39.16 -30.34 -20.46
N THR F 144 38.11 -31.16 -20.44
CA THR F 144 38.26 -32.59 -20.67
C THR F 144 36.97 -33.12 -21.28
N SER F 145 37.09 -34.28 -21.93
CA SER F 145 35.94 -35.00 -22.46
C SER F 145 35.67 -36.31 -21.75
N SER F 146 36.67 -36.90 -21.11
CA SER F 146 36.50 -38.11 -20.32
C SER F 146 37.58 -38.16 -19.26
N VAL F 147 37.25 -38.78 -18.13
CA VAL F 147 38.18 -38.95 -17.03
C VAL F 147 37.99 -40.33 -16.42
N PRO F 148 39.04 -41.13 -16.27
CA PRO F 148 38.89 -42.41 -15.57
C PRO F 148 38.68 -42.21 -14.08
N VAL F 149 37.88 -43.09 -13.49
CA VAL F 149 37.57 -43.02 -12.06
C VAL F 149 37.45 -44.43 -11.51
N THR F 150 37.57 -44.54 -10.19
CA THR F 150 37.42 -45.81 -9.50
C THR F 150 36.64 -45.57 -8.22
N PRO F 151 35.87 -46.55 -7.74
CA PRO F 151 35.12 -46.36 -6.51
C PRO F 151 36.04 -46.06 -5.33
N GLY F 152 35.60 -45.12 -4.48
CA GLY F 152 36.39 -44.70 -3.35
C GLY F 152 37.45 -43.68 -3.66
N GLU F 153 37.70 -43.38 -4.93
CA GLU F 153 38.72 -42.41 -5.30
C GLU F 153 38.13 -41.00 -5.28
N SER F 154 38.93 -40.05 -5.73
CA SER F 154 38.51 -38.65 -5.81
C SER F 154 38.69 -38.15 -7.24
N VAL F 155 37.77 -37.28 -7.66
CA VAL F 155 37.78 -36.72 -9.01
C VAL F 155 37.56 -35.22 -8.92
N SER F 156 37.95 -34.51 -9.98
CA SER F 156 37.83 -33.05 -10.02
C SER F 156 37.57 -32.64 -11.47
N ILE F 157 36.42 -32.06 -11.72
CA ILE F 157 36.06 -31.58 -13.05
C ILE F 157 36.16 -30.05 -13.06
N SER F 158 36.42 -29.48 -14.23
CA SER F 158 36.59 -28.04 -14.35
C SER F 158 35.90 -27.55 -15.62
N CYS F 159 35.63 -26.24 -15.65
CA CYS F 159 35.02 -25.57 -16.79
C CYS F 159 35.57 -24.16 -16.88
N ARG F 160 35.41 -23.56 -18.05
CA ARG F 160 35.79 -22.18 -18.27
C ARG F 160 34.73 -21.50 -19.15
N SER F 161 34.68 -20.17 -19.05
CA SER F 161 33.70 -19.39 -19.79
C SER F 161 34.38 -18.23 -20.48
N SER F 162 33.64 -17.59 -21.39
CA SER F 162 34.19 -16.47 -22.14
C SER F 162 34.43 -15.25 -21.26
N LYS F 163 33.67 -15.08 -20.19
CA LYS F 163 33.86 -13.95 -19.29
C LYS F 163 33.43 -14.36 -17.90
N SER F 164 33.71 -13.49 -16.93
CA SER F 164 33.36 -13.77 -15.54
C SER F 164 31.85 -13.88 -15.38
N LEU F 165 31.44 -14.80 -14.52
CA LEU F 165 30.03 -15.01 -14.20
C LEU F 165 29.61 -14.36 -12.90
N LEU F 166 30.52 -13.69 -12.21
CA LEU F 166 30.18 -13.02 -10.96
C LEU F 166 29.47 -11.70 -11.26
N HIS F 167 28.19 -11.63 -10.92
CA HIS F 167 27.44 -10.40 -11.11
C HIS F 167 27.80 -9.40 -10.01
N SER F 168 27.30 -8.18 -10.16
CA SER F 168 27.59 -7.14 -9.17
C SER F 168 27.02 -7.48 -7.81
N ASN F 169 25.89 -8.18 -7.76
CA ASN F 169 25.23 -8.47 -6.48
C ASN F 169 25.97 -9.51 -5.65
N GLY F 170 26.97 -10.18 -6.21
CA GLY F 170 27.74 -11.17 -5.47
C GLY F 170 27.49 -12.61 -5.86
N ASN F 171 26.45 -12.90 -6.65
CA ASN F 171 26.19 -14.26 -7.06
C ASN F 171 27.10 -14.65 -8.23
N THR F 172 27.20 -15.96 -8.47
CA THR F 172 27.98 -16.51 -9.59
C THR F 172 27.15 -17.63 -10.19
N TYR F 173 26.53 -17.33 -11.33
CA TYR F 173 25.44 -18.16 -11.85
C TYR F 173 25.92 -19.35 -12.68
N LEU F 174 26.82 -20.17 -12.16
CA LEU F 174 27.23 -21.38 -12.86
C LEU F 174 26.64 -22.61 -12.17
N TYR F 175 26.21 -23.57 -12.99
CA TYR F 175 25.49 -24.73 -12.52
C TYR F 175 26.25 -25.99 -12.89
N TRP F 176 25.88 -27.10 -12.26
CA TRP F 176 26.44 -28.40 -12.58
C TRP F 176 25.31 -29.42 -12.64
N PHE F 177 25.32 -30.24 -13.68
CA PHE F 177 24.28 -31.25 -13.87
C PHE F 177 24.94 -32.60 -14.10
N LEU F 178 24.37 -33.64 -13.50
CA LEU F 178 24.85 -35.00 -13.65
C LEU F 178 23.86 -35.81 -14.45
N GLN F 179 24.32 -36.44 -15.52
CA GLN F 179 23.49 -37.32 -16.33
C GLN F 179 24.07 -38.71 -16.28
N ARG F 180 23.42 -39.60 -15.53
CA ARG F 180 23.83 -40.99 -15.55
C ARG F 180 23.39 -41.63 -16.87
N PRO F 181 24.14 -42.62 -17.36
CA PRO F 181 23.78 -43.24 -18.64
C PRO F 181 22.38 -43.83 -18.60
N GLY F 182 21.61 -43.58 -19.67
CA GLY F 182 20.26 -44.09 -19.73
C GLY F 182 19.28 -43.39 -18.82
N GLN F 183 19.58 -42.18 -18.37
CA GLN F 183 18.73 -41.46 -17.45
C GLN F 183 18.73 -39.97 -17.77
N SER F 184 17.70 -39.28 -17.28
CA SER F 184 17.61 -37.83 -17.40
C SER F 184 18.46 -37.16 -16.33
N PRO F 185 19.05 -36.01 -16.63
CA PRO F 185 19.98 -35.39 -15.68
C PRO F 185 19.26 -34.81 -14.47
N GLN F 186 20.07 -34.51 -13.46
CA GLN F 186 19.60 -33.93 -12.21
C GLN F 186 20.52 -32.78 -11.82
N LEU F 187 20.00 -31.87 -11.00
CA LEU F 187 20.83 -30.77 -10.52
C LEU F 187 21.73 -31.24 -9.40
N LEU F 188 22.99 -30.84 -9.45
CA LEU F 188 23.95 -31.10 -8.38
C LEU F 188 24.37 -29.85 -7.64
N ILE F 189 24.83 -28.83 -8.34
CA ILE F 189 25.29 -27.60 -7.73
C ILE F 189 24.63 -26.43 -8.45
N TYR F 190 24.03 -25.52 -7.69
CA TYR F 190 23.47 -24.30 -8.24
C TYR F 190 24.20 -23.10 -7.64
N ARG F 191 24.46 -22.11 -8.49
CA ARG F 191 25.26 -20.94 -8.13
C ARG F 191 26.63 -21.35 -7.60
N MET F 192 27.16 -22.46 -8.11
CA MET F 192 28.55 -22.86 -8.01
C MET F 192 28.97 -23.37 -6.64
N SER F 193 28.13 -23.22 -5.63
CA SER F 193 28.53 -23.55 -4.26
C SER F 193 27.48 -24.28 -3.45
N ASN F 194 26.24 -24.36 -3.90
CA ASN F 194 25.13 -24.84 -3.07
C ASN F 194 24.65 -26.18 -3.59
N LEU F 195 24.49 -27.14 -2.67
CA LEU F 195 24.02 -28.47 -3.04
C LEU F 195 22.52 -28.47 -3.29
N ALA F 196 22.10 -29.11 -4.36
CA ALA F 196 20.69 -29.31 -4.62
C ALA F 196 20.13 -30.36 -3.66
N SER F 197 18.81 -30.34 -3.49
CA SER F 197 18.17 -31.30 -2.61
C SER F 197 18.35 -32.71 -3.13
N GLY F 198 18.70 -33.62 -2.24
CA GLY F 198 18.92 -35.01 -2.59
C GLY F 198 20.31 -35.35 -3.08
N VAL F 199 21.13 -34.35 -3.39
CA VAL F 199 22.51 -34.60 -3.82
C VAL F 199 23.35 -34.91 -2.60
N PRO F 200 24.04 -36.05 -2.57
CA PRO F 200 24.87 -36.37 -1.40
C PRO F 200 26.05 -35.42 -1.28
N ASP F 201 26.54 -35.27 -0.05
CA ASP F 201 27.57 -34.29 0.25
C ASP F 201 28.92 -34.60 -0.41
N ARG F 202 29.03 -35.71 -1.15
CA ARG F 202 30.26 -36.00 -1.86
C ARG F 202 30.56 -34.92 -2.89
N PHE F 203 29.54 -34.46 -3.61
CA PHE F 203 29.72 -33.41 -4.60
C PHE F 203 29.87 -32.06 -3.93
N SER F 204 30.79 -31.25 -4.42
CA SER F 204 31.03 -29.93 -3.86
C SER F 204 31.72 -29.06 -4.90
N GLY F 205 31.04 -28.01 -5.35
CA GLY F 205 31.60 -27.13 -6.35
C GLY F 205 32.33 -25.95 -5.74
N SER F 206 33.29 -25.41 -6.50
CA SER F 206 34.05 -24.26 -6.06
C SER F 206 34.72 -23.61 -7.27
N GLY F 207 35.03 -22.34 -7.12
CA GLY F 207 35.70 -21.62 -8.18
C GLY F 207 35.74 -20.14 -7.89
N SER F 208 36.38 -19.41 -8.79
CA SER F 208 36.49 -17.97 -8.68
C SER F 208 36.80 -17.39 -10.05
N GLY F 209 36.42 -16.13 -10.24
CA GLY F 209 36.68 -15.46 -11.50
C GLY F 209 35.99 -16.10 -12.68
N THR F 210 36.76 -16.79 -13.53
CA THR F 210 36.22 -17.39 -14.74
C THR F 210 36.48 -18.89 -14.83
N ALA F 211 37.28 -19.46 -13.93
CA ALA F 211 37.57 -20.89 -13.95
C ALA F 211 36.92 -21.54 -12.74
N PHE F 212 36.05 -22.51 -12.99
CA PHE F 212 35.22 -23.10 -11.95
C PHE F 212 35.38 -24.60 -11.97
N THR F 213 35.31 -25.22 -10.79
CA THR F 213 35.59 -26.64 -10.64
C THR F 213 34.51 -27.32 -9.82
N LEU F 214 34.32 -28.61 -10.07
CA LEU F 214 33.44 -29.45 -9.29
C LEU F 214 34.22 -30.66 -8.80
N THR F 215 34.11 -30.96 -7.51
CA THR F 215 34.78 -32.10 -6.91
C THR F 215 33.76 -33.17 -6.54
N ILE F 216 34.12 -34.42 -6.75
CA ILE F 216 33.23 -35.56 -6.48
C ILE F 216 33.89 -36.48 -5.47
N SER F 217 34.62 -35.91 -4.53
CA SER F 217 35.41 -36.66 -3.55
C SER F 217 34.59 -37.78 -2.91
N ARG F 218 35.28 -38.86 -2.55
CA ARG F 218 34.65 -40.07 -2.01
C ARG F 218 33.61 -40.61 -2.99
N LEU F 219 34.06 -40.85 -4.22
CA LEU F 219 33.17 -41.19 -5.32
C LEU F 219 32.48 -42.54 -5.07
N GLU F 220 31.15 -42.51 -5.06
CA GLU F 220 30.36 -43.74 -5.02
C GLU F 220 30.04 -44.19 -6.44
N ALA F 221 29.62 -45.46 -6.56
CA ALA F 221 29.40 -46.05 -7.87
C ALA F 221 28.31 -45.34 -8.65
N GLU F 222 27.39 -44.66 -7.96
CA GLU F 222 26.32 -43.95 -8.64
C GLU F 222 26.77 -42.66 -9.30
N ASP F 223 28.00 -42.20 -9.04
CA ASP F 223 28.49 -40.94 -9.58
C ASP F 223 28.94 -41.06 -11.04
N VAL F 224 28.94 -42.26 -11.61
CA VAL F 224 29.35 -42.44 -12.99
C VAL F 224 28.32 -41.80 -13.92
N GLY F 225 28.80 -41.02 -14.89
CA GLY F 225 27.95 -40.36 -15.84
C GLY F 225 28.68 -39.19 -16.47
N VAL F 226 27.91 -38.31 -17.11
CA VAL F 226 28.43 -37.13 -17.77
C VAL F 226 28.02 -35.91 -16.96
N TYR F 227 28.96 -35.01 -16.72
CA TYR F 227 28.74 -33.82 -15.89
C TYR F 227 28.75 -32.59 -16.78
N TYR F 228 27.65 -31.86 -16.79
CA TYR F 228 27.50 -30.67 -17.63
C TYR F 228 27.49 -29.42 -16.76
N CYS F 229 28.21 -28.40 -17.23
CA CYS F 229 28.27 -27.12 -16.53
C CYS F 229 27.61 -26.05 -17.39
N MET F 230 26.82 -25.19 -16.74
CA MET F 230 26.00 -24.22 -17.44
C MET F 230 26.17 -22.84 -16.82
N GLN F 231 26.25 -21.84 -17.67
CA GLN F 231 26.20 -20.44 -17.23
C GLN F 231 24.74 -19.97 -17.30
N HIS F 232 24.39 -19.05 -16.39
CA HIS F 232 23.04 -18.51 -16.36
C HIS F 232 23.02 -17.00 -16.17
N LEU F 233 24.13 -16.31 -16.46
CA LEU F 233 24.15 -14.86 -16.31
C LEU F 233 23.19 -14.19 -17.28
N GLU F 234 23.14 -14.68 -18.52
CA GLU F 234 22.24 -14.11 -19.52
C GLU F 234 21.84 -15.21 -20.50
N TYR F 235 20.74 -14.96 -21.19
CA TYR F 235 20.21 -15.93 -22.14
C TYR F 235 20.81 -15.75 -23.52
N THR F 238 25.36 -21.11 -21.59
CA THR F 238 24.63 -22.30 -22.00
C THR F 238 25.57 -23.50 -21.87
N PHE F 239 24.98 -24.68 -21.69
CA PHE F 239 25.72 -25.91 -21.37
C PHE F 239 26.99 -26.07 -22.20
N GLY F 240 28.05 -26.50 -21.54
CA GLY F 240 29.25 -26.90 -22.23
C GLY F 240 29.14 -28.32 -22.77
N ALA F 241 30.24 -28.80 -23.33
CA ALA F 241 30.24 -30.12 -23.94
C ALA F 241 30.00 -31.24 -22.94
N GLY F 242 30.57 -31.14 -21.74
CA GLY F 242 30.41 -32.19 -20.75
C GLY F 242 31.50 -33.24 -20.84
N THR F 243 31.74 -33.90 -19.71
CA THR F 243 32.73 -34.96 -19.61
C THR F 243 32.11 -36.18 -18.95
N LYS F 244 32.48 -37.37 -19.43
CA LYS F 244 31.95 -38.61 -18.91
C LYS F 244 32.98 -39.25 -17.99
N LEU F 245 32.59 -39.53 -16.75
CA LEU F 245 33.43 -40.27 -15.82
C LEU F 245 33.22 -41.76 -16.05
N GLU F 246 34.31 -42.49 -16.26
CA GLU F 246 34.27 -43.92 -16.50
C GLU F 246 34.82 -44.66 -15.30
N LEU F 247 34.08 -45.66 -14.82
CA LEU F 247 34.51 -46.43 -13.67
C LEU F 247 35.65 -47.37 -14.02
#